data_3BX1
#
_entry.id   3BX1
#
_cell.length_a   100.637
_cell.length_b   100.637
_cell.length_c   216.242
_cell.angle_alpha   90.00
_cell.angle_beta   90.00
_cell.angle_gamma   90.00
#
_symmetry.space_group_name_H-M   'P 41 21 2'
#
loop_
_entity.id
_entity.type
_entity.pdbx_description
1 polymer 'Subtilisin Savinase'
2 polymer 'Alpha-amylase/subtilisin inhibitor'
3 non-polymer 'CALCIUM ION'
4 non-polymer 'CHLORIDE ION'
5 non-polymer 'SODIUM ION'
6 water water
#
loop_
_entity_poly.entity_id
_entity_poly.type
_entity_poly.pdbx_seq_one_letter_code
_entity_poly.pdbx_strand_id
1 'polypeptide(L)'
;AQSVPWGISRVQAPAAHNRGLTGSGVKVAVLDTGISTHPDLNIRGGASFVPGEPSTQDGNGHGTHVAGTIAALNNSIGVL
GVAPSAELYAVKVLGASGSGSVSSIAQGLEWAGNNGMHVANLSLGSPSPSATLEQAVNSATSRGVLVVAASGNSGAGSIS
YPARYANAMAVGATDQNNNRASFSQYGAGLDIVAPGVNVQSTYPGSTYASLNGTSMATPHVAGAAALVKQKNPSWSNVQI
RNHLKNTATSLGSTNLYGSGLVNAEAATR
;
A,B
2 'polypeptide(L)'
;ADPPPVHDTDGHELRADANYYVLSANRAHGGGLTMAPGHGRHCPLFVSQDPNGQHDGFPVRITPYGVAPSDKIIRLSTDV
RISFRAYTTCLQSTEWHIDSELAAGRRHVITGPVKDPSPSGRENAFRIEKYSGAEVHEYKLMSCGDWCQDLGVFRDLKGG
AWFLGATEPYHVVVFKKAPPA
;
D,C
#
loop_
_chem_comp.id
_chem_comp.type
_chem_comp.name
_chem_comp.formula
CA non-polymer 'CALCIUM ION' 'Ca 2'
CL non-polymer 'CHLORIDE ION' 'Cl -1'
NA non-polymer 'SODIUM ION' 'Na 1'
#
# COMPACT_ATOMS: atom_id res chain seq x y z
N ALA A 1 7.98 19.56 26.24
CA ALA A 1 9.04 20.63 26.22
C ALA A 1 9.72 20.60 24.83
N GLN A 2 10.56 21.57 24.49
CA GLN A 2 11.13 21.58 23.11
C GLN A 2 12.32 20.62 22.97
N SER A 3 12.30 19.78 21.93
CA SER A 3 13.43 18.91 21.57
C SER A 3 14.19 19.51 20.37
N VAL A 4 15.49 19.26 20.33
CA VAL A 4 16.28 19.66 19.20
C VAL A 4 16.51 18.39 18.40
N PRO A 5 15.82 18.25 17.23
CA PRO A 5 16.03 17.02 16.44
C PRO A 5 17.50 16.78 16.15
N TRP A 6 17.98 15.54 16.07
CA TRP A 6 19.40 15.33 15.92
C TRP A 6 20.00 16.00 14.64
N GLY A 7 19.19 16.13 13.58
CA GLY A 7 19.75 16.71 12.31
C GLY A 7 19.96 18.20 12.48
N ILE A 8 19.12 18.83 13.32
CA ILE A 8 19.33 20.24 13.65
C ILE A 8 20.67 20.49 14.35
N SER A 9 21.00 19.65 15.33
CA SER A 9 22.34 19.66 15.92
C SER A 9 23.42 19.21 14.94
N ARG A 10 23.12 18.25 14.05
CA ARG A 10 24.21 17.80 13.11
C ARG A 10 24.67 18.92 12.16
N VAL A 11 23.72 19.70 11.64
CA VAL A 11 24.06 20.82 10.77
C VAL A 11 24.55 22.06 11.55
N GLN A 12 24.64 21.93 12.88
CA GLN A 12 25.14 22.99 13.77
C GLN A 12 24.36 24.29 13.77
N ALA A 13 23.05 24.19 13.61
CA ALA A 13 22.21 25.37 13.62
C ALA A 13 22.24 26.14 14.96
N PRO A 14 22.25 25.45 16.14
CA PRO A 14 22.26 26.18 17.44
C PRO A 14 23.49 27.10 17.61
N ALA A 15 24.65 26.71 17.10
CA ALA A 15 25.81 27.61 17.08
C ALA A 15 25.55 28.85 16.22
N ALA A 16 24.77 28.71 15.12
CA ALA A 16 24.43 29.89 14.34
C ALA A 16 23.45 30.75 15.14
N HIS A 17 22.51 30.09 15.82
CA HIS A 17 21.50 30.81 16.62
C HIS A 17 22.20 31.63 17.72
N ASN A 18 23.24 31.06 18.30
CA ASN A 18 24.04 31.73 19.32
CA ASN A 18 24.02 31.74 19.35
C ASN A 18 24.77 32.97 18.84
N ARG A 19 24.90 33.12 17.51
CA ARG A 19 25.55 34.32 16.99
C ARG A 19 24.52 35.27 16.38
N GLY A 20 23.28 35.03 16.79
CA GLY A 20 22.14 35.91 16.49
C GLY A 20 21.58 35.64 15.09
N LEU A 21 21.81 34.45 14.54
CA LEU A 21 21.27 34.14 13.20
C LEU A 21 20.20 33.06 13.30
N THR A 22 18.99 33.48 12.98
CA THR A 22 17.81 32.62 13.12
C THR A 22 16.99 32.73 11.85
N GLY A 23 17.45 33.54 10.90
CA GLY A 23 16.80 33.71 9.62
C GLY A 23 15.77 34.82 9.54
N SER A 24 15.71 35.73 10.53
CA SER A 24 14.76 36.86 10.51
C SER A 24 14.90 37.67 9.26
N GLY A 25 13.79 38.16 8.73
CA GLY A 25 13.83 38.96 7.48
C GLY A 25 14.02 38.12 6.21
N VAL A 26 14.27 36.82 6.34
CA VAL A 26 14.43 35.93 5.12
C VAL A 26 13.14 35.21 4.72
N LYS A 27 12.73 35.42 3.47
CA LYS A 27 11.54 34.82 2.92
C LYS A 27 11.81 33.48 2.29
N VAL A 28 11.21 32.44 2.87
CA VAL A 28 11.39 31.06 2.42
C VAL A 28 10.04 30.45 1.99
N ALA A 29 9.94 30.08 0.72
CA ALA A 29 8.73 29.43 0.21
C ALA A 29 8.88 27.90 0.25
N VAL A 30 7.84 27.23 0.70
CA VAL A 30 7.86 25.79 0.73
C VAL A 30 6.93 25.37 -0.38
N LEU A 31 7.51 24.88 -1.47
CA LEU A 31 6.69 24.40 -2.59
C LEU A 31 6.39 22.95 -2.39
N ASP A 32 5.15 22.65 -2.02
CA ASP A 32 4.87 21.32 -1.53
C ASP A 32 3.35 21.04 -1.47
N THR A 33 2.93 20.22 -0.52
CA THR A 33 1.52 19.80 -0.40
C THR A 33 0.71 20.83 0.41
N GLY A 34 1.32 21.97 0.73
CA GLY A 34 0.69 23.00 1.58
C GLY A 34 1.42 23.01 2.94
N ILE A 35 0.95 23.85 3.89
CA ILE A 35 1.44 23.85 5.31
C ILE A 35 0.21 24.06 6.21
N SER A 36 -0.05 23.12 7.12
CA SER A 36 -1.15 23.32 8.05
C SER A 36 -0.74 24.24 9.18
N THR A 37 -1.66 25.09 9.60
CA THR A 37 -1.45 25.87 10.81
C THR A 37 -1.14 24.86 11.92
N HIS A 38 -0.14 25.18 12.72
CA HIS A 38 0.45 24.31 13.72
C HIS A 38 0.99 25.28 14.80
N PRO A 39 0.88 24.91 16.07
CA PRO A 39 1.45 25.63 17.22
C PRO A 39 2.90 25.94 17.09
N ASP A 40 3.65 25.05 16.43
CA ASP A 40 5.05 25.27 16.34
C ASP A 40 5.50 25.86 14.98
N LEU A 41 4.57 26.41 14.20
CA LEU A 41 4.95 27.13 12.97
C LEU A 41 4.34 28.53 12.92
N ASN A 42 4.98 29.45 12.21
CA ASN A 42 4.35 30.73 11.87
C ASN A 42 4.30 30.92 10.34
N ILE A 43 3.11 30.80 9.77
CA ILE A 43 2.98 30.88 8.32
C ILE A 43 2.58 32.30 7.89
N ARG A 44 3.42 32.96 7.10
CA ARG A 44 3.19 34.34 6.75
C ARG A 44 2.21 34.49 5.59
N GLY A 45 2.14 33.48 4.73
CA GLY A 45 1.21 33.59 3.58
C GLY A 45 1.54 32.54 2.57
N GLY A 46 1.12 32.77 1.32
CA GLY A 46 1.39 31.84 0.22
C GLY A 46 0.24 31.77 -0.76
N ALA A 47 0.20 30.71 -1.56
CA ALA A 47 -0.79 30.57 -2.61
C ALA A 47 -0.94 29.09 -2.97
N SER A 48 -2.05 28.72 -3.58
CA SER A 48 -2.20 27.38 -4.16
C SER A 48 -2.29 27.40 -5.69
N PHE A 49 -1.65 26.42 -6.33
CA PHE A 49 -1.72 26.24 -7.77
C PHE A 49 -2.23 24.87 -8.15
N VAL A 50 -2.96 24.25 -7.23
CA VAL A 50 -3.47 22.91 -7.45
C VAL A 50 -4.96 23.01 -7.77
N PRO A 51 -5.38 22.63 -8.99
CA PRO A 51 -6.80 22.67 -9.31
C PRO A 51 -7.67 21.83 -8.36
N GLY A 52 -8.75 22.45 -7.86
CA GLY A 52 -9.65 21.81 -6.90
C GLY A 52 -9.21 21.94 -5.43
N GLU A 53 -8.00 22.43 -5.19
CA GLU A 53 -7.46 22.47 -3.81
C GLU A 53 -6.99 23.88 -3.50
N PRO A 54 -7.94 24.80 -3.34
CA PRO A 54 -7.67 26.23 -3.35
C PRO A 54 -6.94 26.77 -2.10
N SER A 55 -7.00 26.06 -0.96
CA SER A 55 -6.40 26.62 0.27
C SER A 55 -4.92 26.20 0.36
N THR A 56 -4.17 26.81 1.25
CA THR A 56 -2.76 26.45 1.40
C THR A 56 -2.49 25.46 2.56
N GLN A 57 -3.57 24.94 3.13
CA GLN A 57 -3.52 23.91 4.18
C GLN A 57 -3.14 22.54 3.61
N ASP A 58 -2.46 21.77 4.47
CA ASP A 58 -1.78 20.52 4.06
C ASP A 58 -2.69 19.31 4.31
N GLY A 59 -3.14 18.65 3.25
CA GLY A 59 -3.98 17.46 3.44
C GLY A 59 -3.17 16.19 3.39
N ASN A 60 -1.86 16.31 3.23
CA ASN A 60 -0.97 15.16 3.16
C ASN A 60 -0.11 15.02 4.43
N GLY A 61 0.59 16.09 4.85
CA GLY A 61 1.42 16.09 6.03
C GLY A 61 2.84 16.47 5.63
N HIS A 62 3.22 16.11 4.41
CA HIS A 62 4.57 16.29 3.92
C HIS A 62 5.12 17.72 3.97
N GLY A 63 4.36 18.67 3.41
CA GLY A 63 4.76 20.05 3.39
C GLY A 63 4.86 20.62 4.81
N THR A 64 3.95 20.22 5.68
CA THR A 64 4.03 20.65 7.10
C THR A 64 5.32 20.16 7.76
N HIS A 65 5.71 18.89 7.56
CA HIS A 65 6.98 18.34 8.07
C HIS A 65 8.21 19.07 7.53
N VAL A 66 8.19 19.30 6.21
CA VAL A 66 9.29 20.03 5.59
C VAL A 66 9.40 21.42 6.18
N ALA A 67 8.26 22.12 6.32
CA ALA A 67 8.28 23.47 6.93
C ALA A 67 8.88 23.53 8.36
N GLY A 68 8.61 22.55 9.20
CA GLY A 68 9.15 22.47 10.58
C GLY A 68 10.65 22.29 10.62
N THR A 69 11.20 21.54 9.67
CA THR A 69 12.64 21.39 9.65
C THR A 69 13.28 22.74 9.32
N ILE A 70 12.67 23.50 8.40
CA ILE A 70 13.18 24.86 8.13
C ILE A 70 13.01 25.82 9.34
N ALA A 71 11.78 25.92 9.87
CA ALA A 71 11.43 27.09 10.71
C ALA A 71 10.55 26.76 11.92
N ALA A 72 10.57 25.53 12.42
CA ALA A 72 9.82 25.27 13.62
C ALA A 72 10.29 26.29 14.69
N LEU A 73 9.30 26.95 15.31
CA LEU A 73 9.54 28.03 16.25
C LEU A 73 10.35 27.63 17.46
N ASN A 74 11.23 28.55 17.87
CA ASN A 74 11.96 28.40 19.11
C ASN A 74 11.13 28.90 20.27
N ASN A 75 10.65 27.95 21.06
CA ASN A 75 9.71 28.18 22.14
C ASN A 75 9.84 27.02 23.12
N SER A 76 8.78 26.67 23.83
CA SER A 76 8.95 25.58 24.78
C SER A 76 8.19 24.37 24.35
N ILE A 77 7.84 24.28 23.06
CA ILE A 77 7.13 23.06 22.62
C ILE A 77 7.76 22.45 21.35
N GLY A 78 7.38 21.20 21.08
CA GLY A 78 7.68 20.52 19.81
C GLY A 78 9.14 20.45 19.43
N VAL A 79 9.49 21.03 18.29
CA VAL A 79 10.88 20.94 17.85
C VAL A 79 11.43 22.33 17.59
N LEU A 80 12.47 22.41 16.78
CA LEU A 80 13.22 23.63 16.48
C LEU A 80 13.75 23.52 15.05
N GLY A 81 13.56 24.59 14.27
CA GLY A 81 14.05 24.63 12.88
C GLY A 81 15.49 25.09 12.80
N VAL A 82 16.11 24.87 11.64
CA VAL A 82 17.40 25.45 11.35
C VAL A 82 17.31 26.97 11.40
N ALA A 83 16.18 27.50 10.93
CA ALA A 83 15.92 28.93 10.81
C ALA A 83 14.58 29.31 11.44
N PRO A 84 14.52 29.31 12.80
CA PRO A 84 13.23 29.50 13.46
C PRO A 84 12.56 30.84 13.24
N SER A 85 13.28 31.87 12.79
CA SER A 85 12.61 33.16 12.53
C SER A 85 12.39 33.46 11.05
N ALA A 86 12.63 32.46 10.22
CA ALA A 86 12.42 32.62 8.78
C ALA A 86 10.95 32.86 8.53
N GLU A 87 10.68 33.67 7.51
CA GLU A 87 9.31 33.96 7.13
C GLU A 87 8.88 32.90 6.12
N LEU A 88 7.94 32.07 6.57
CA LEU A 88 7.45 30.89 5.87
C LEU A 88 6.26 31.19 5.00
N TYR A 89 6.37 30.78 3.72
CA TYR A 89 5.26 30.82 2.78
C TYR A 89 4.86 29.45 2.26
N ALA A 90 3.56 29.14 2.34
CA ALA A 90 3.00 27.86 1.88
C ALA A 90 2.62 27.98 0.41
N VAL A 91 3.38 27.35 -0.47
CA VAL A 91 3.05 27.37 -1.89
C VAL A 91 2.67 25.95 -2.30
N LYS A 92 1.36 25.68 -2.38
CA LYS A 92 0.86 24.37 -2.67
C LYS A 92 0.93 24.12 -4.18
N VAL A 93 1.81 23.22 -4.56
CA VAL A 93 2.02 22.85 -5.96
C VAL A 93 1.77 21.34 -6.14
N LEU A 94 1.62 20.64 -5.03
CA LEU A 94 1.27 19.21 -5.02
C LEU A 94 -0.08 19.07 -4.34
N GLY A 95 -0.93 18.16 -4.85
CA GLY A 95 -2.18 17.86 -4.19
C GLY A 95 -1.94 17.03 -2.94
N ALA A 96 -3.01 16.86 -2.15
CA ALA A 96 -3.07 15.89 -1.05
C ALA A 96 -2.57 14.49 -1.40
N SER A 97 -2.83 14.06 -2.65
CA SER A 97 -2.28 12.82 -3.17
C SER A 97 -0.76 12.79 -3.14
N GLY A 98 -0.11 13.95 -3.05
CA GLY A 98 1.38 14.04 -3.08
C GLY A 98 2.00 14.28 -4.48
N SER A 99 1.18 14.54 -5.50
CA SER A 99 1.73 14.69 -6.88
C SER A 99 1.31 16.01 -7.52
N GLY A 100 2.16 16.50 -8.39
CA GLY A 100 1.95 17.78 -9.01
C GLY A 100 2.34 17.74 -10.49
N SER A 101 1.77 18.64 -11.27
CA SER A 101 2.15 18.77 -12.66
C SER A 101 3.31 19.76 -12.88
N VAL A 102 3.91 19.70 -14.09
CA VAL A 102 4.84 20.72 -14.55
C VAL A 102 4.26 22.13 -14.32
N SER A 103 2.97 22.28 -14.66
CA SER A 103 2.29 23.57 -14.58
CA SER A 103 2.23 23.54 -14.58
C SER A 103 2.00 24.09 -13.15
N SER A 104 1.54 23.24 -12.25
CA SER A 104 1.44 23.64 -10.82
CA SER A 104 1.43 23.65 -10.85
C SER A 104 2.79 24.09 -10.30
N ILE A 105 3.82 23.28 -10.52
CA ILE A 105 5.14 23.57 -9.96
C ILE A 105 5.71 24.85 -10.59
N ALA A 106 5.46 25.03 -11.89
CA ALA A 106 6.04 26.15 -12.61
C ALA A 106 5.32 27.42 -12.14
N GLN A 107 4.01 27.36 -11.92
CA GLN A 107 3.34 28.52 -11.39
C GLN A 107 3.78 28.82 -9.93
N GLY A 108 4.15 27.80 -9.17
CA GLY A 108 4.66 28.02 -7.81
C GLY A 108 6.00 28.73 -7.83
N LEU A 109 6.87 28.39 -8.78
CA LEU A 109 8.16 29.05 -8.90
C LEU A 109 8.00 30.48 -9.38
N GLU A 110 7.04 30.70 -10.27
CA GLU A 110 6.74 32.06 -10.78
C GLU A 110 6.20 32.95 -9.64
N TRP A 111 5.32 32.37 -8.82
CA TRP A 111 4.86 33.00 -7.60
C TRP A 111 6.04 33.43 -6.73
N ALA A 112 7.04 32.55 -6.55
CA ALA A 112 8.17 32.82 -5.65
C ALA A 112 8.98 34.01 -6.19
N GLY A 113 9.18 34.06 -7.51
CA GLY A 113 9.82 35.19 -8.16
C GLY A 113 9.06 36.50 -8.00
N ASN A 114 7.74 36.47 -8.20
CA ASN A 114 6.88 37.67 -8.10
C ASN A 114 6.66 38.19 -6.69
N ASN A 115 7.01 37.39 -5.70
CA ASN A 115 6.76 37.78 -4.32
C ASN A 115 8.04 37.98 -3.51
N GLY A 116 9.17 37.99 -4.21
CA GLY A 116 10.50 38.20 -3.62
C GLY A 116 10.98 37.19 -2.59
N MET A 117 10.57 35.94 -2.73
CA MET A 117 11.16 34.86 -1.96
C MET A 117 12.66 34.84 -2.12
N HIS A 118 13.37 34.60 -1.02
CA HIS A 118 14.79 34.43 -1.09
C HIS A 118 15.16 32.95 -1.32
N VAL A 119 14.31 32.02 -0.89
CA VAL A 119 14.64 30.60 -0.97
C VAL A 119 13.36 29.90 -1.37
N ALA A 120 13.45 28.96 -2.32
CA ALA A 120 12.31 28.05 -2.53
C ALA A 120 12.81 26.62 -2.30
N ASN A 121 12.11 25.93 -1.42
CA ASN A 121 12.39 24.55 -1.04
C ASN A 121 11.42 23.68 -1.85
N LEU A 122 11.95 22.74 -2.61
CA LEU A 122 11.18 21.84 -3.44
C LEU A 122 11.61 20.46 -3.02
N SER A 123 10.91 19.92 -2.02
CA SER A 123 11.13 18.53 -1.62
C SER A 123 10.22 17.61 -2.44
N LEU A 124 10.52 17.48 -3.74
CA LEU A 124 9.61 16.85 -4.67
C LEU A 124 10.41 16.59 -5.94
N GLY A 125 9.93 15.66 -6.74
CA GLY A 125 10.63 15.34 -8.00
C GLY A 125 10.23 14.03 -8.62
N SER A 126 10.95 13.65 -9.67
CA SER A 126 10.78 12.36 -10.32
C SER A 126 11.86 12.28 -11.41
N PRO A 127 12.02 11.10 -12.01
CA PRO A 127 12.94 11.06 -13.16
C PRO A 127 12.43 11.76 -14.45
N SER A 128 11.31 12.51 -14.43
CA SER A 128 10.70 13.10 -15.67
C SER A 128 11.32 14.42 -16.05
N PRO A 129 12.09 14.44 -17.15
CA PRO A 129 12.58 15.75 -17.53
C PRO A 129 11.46 16.65 -18.08
N SER A 130 11.65 17.96 -17.99
CA SER A 130 10.72 18.88 -18.64
C SER A 130 11.35 20.23 -18.89
N ALA A 131 11.44 20.62 -20.17
CA ALA A 131 12.10 21.87 -20.53
C ALA A 131 11.33 23.04 -19.92
N THR A 132 10.03 22.88 -19.83
CA THR A 132 9.15 23.92 -19.25
C THR A 132 9.46 24.10 -17.77
N LEU A 133 9.70 22.98 -17.08
CA LEU A 133 10.07 23.05 -15.67
C LEU A 133 11.48 23.64 -15.54
N GLU A 134 12.45 23.27 -16.38
CA GLU A 134 13.78 23.91 -16.31
C GLU A 134 13.73 25.44 -16.51
N GLN A 135 12.96 25.89 -17.48
CA GLN A 135 12.77 27.31 -17.74
CA GLN A 135 12.79 27.31 -17.73
C GLN A 135 12.27 28.03 -16.47
N ALA A 136 11.31 27.42 -15.76
CA ALA A 136 10.73 28.05 -14.56
C ALA A 136 11.77 28.19 -13.43
N VAL A 137 12.61 27.17 -13.26
CA VAL A 137 13.73 27.21 -12.31
C VAL A 137 14.73 28.30 -12.68
N ASN A 138 14.96 28.47 -13.98
CA ASN A 138 15.93 29.44 -14.48
C ASN A 138 15.40 30.82 -14.26
N SER A 139 14.11 30.97 -14.47
CA SER A 139 13.44 32.22 -14.34
C SER A 139 13.41 32.70 -12.86
N ALA A 140 13.03 31.81 -11.93
CA ALA A 140 13.09 32.11 -10.51
C ALA A 140 14.50 32.47 -10.08
N THR A 141 15.48 31.71 -10.52
CA THR A 141 16.88 31.98 -10.22
C THR A 141 17.32 33.39 -10.71
N SER A 142 16.84 33.78 -11.91
CA SER A 142 17.21 35.08 -12.49
CA SER A 142 17.20 35.09 -12.49
C SER A 142 16.57 36.22 -11.70
N ARG A 143 15.52 35.88 -10.95
CA ARG A 143 14.79 36.83 -10.14
C ARG A 143 15.15 36.77 -8.65
N GLY A 144 16.27 36.11 -8.35
CA GLY A 144 16.84 36.16 -7.00
C GLY A 144 16.45 35.02 -6.06
N VAL A 145 15.64 34.08 -6.55
CA VAL A 145 15.27 32.94 -5.69
C VAL A 145 16.39 31.88 -5.67
N LEU A 146 16.81 31.46 -4.46
CA LEU A 146 17.68 30.30 -4.35
C LEU A 146 16.80 29.02 -4.32
N VAL A 147 16.90 28.21 -5.39
CA VAL A 147 16.02 27.05 -5.55
C VAL A 147 16.75 25.86 -5.01
N VAL A 148 16.13 25.17 -4.04
CA VAL A 148 16.77 24.06 -3.33
C VAL A 148 15.84 22.87 -3.45
N ALA A 149 16.37 21.75 -3.91
CA ALA A 149 15.52 20.63 -4.25
C ALA A 149 16.14 19.30 -3.84
N ALA A 150 15.32 18.29 -3.59
CA ALA A 150 15.69 16.99 -3.11
C ALA A 150 16.31 16.14 -4.23
N SER A 151 17.43 15.47 -3.92
CA SER A 151 18.12 14.65 -4.94
C SER A 151 17.31 13.42 -5.40
N GLY A 152 16.37 12.94 -4.56
CA GLY A 152 15.55 11.78 -4.89
C GLY A 152 15.77 10.54 -4.03
N ASN A 153 14.77 9.66 -3.99
CA ASN A 153 14.78 8.51 -3.14
C ASN A 153 15.01 7.16 -3.78
N SER A 154 15.37 7.13 -5.06
CA SER A 154 15.42 5.86 -5.77
C SER A 154 16.66 5.03 -5.45
N GLY A 155 17.71 5.64 -4.87
CA GLY A 155 18.98 4.94 -4.65
C GLY A 155 19.96 4.94 -5.86
N ALA A 156 19.51 5.48 -6.98
CA ALA A 156 20.26 5.52 -8.25
C ALA A 156 21.42 6.52 -8.30
N GLY A 157 22.31 6.31 -9.24
CA GLY A 157 23.46 7.15 -9.43
C GLY A 157 23.28 8.34 -10.32
N SER A 158 22.03 8.77 -10.54
CA SER A 158 21.78 10.11 -11.05
C SER A 158 20.63 10.67 -10.23
N ILE A 159 20.49 11.97 -10.24
CA ILE A 159 19.51 12.61 -9.40
C ILE A 159 18.23 12.97 -10.13
N SER A 160 17.19 13.15 -9.34
CA SER A 160 15.84 13.48 -9.75
C SER A 160 15.75 14.86 -10.36
N TYR A 161 14.68 15.08 -11.14
CA TYR A 161 14.24 16.42 -11.52
C TYR A 161 13.19 17.00 -10.58
N PRO A 162 13.24 18.31 -10.32
CA PRO A 162 14.11 19.36 -10.88
C PRO A 162 15.50 19.52 -10.30
N ALA A 163 15.79 18.81 -9.23
CA ALA A 163 17.10 18.92 -8.59
C ALA A 163 18.23 18.81 -9.64
N ARG A 164 18.02 17.96 -10.65
CA ARG A 164 19.09 17.72 -11.61
C ARG A 164 19.40 18.95 -12.51
N TYR A 165 18.47 19.88 -12.64
CA TYR A 165 18.67 21.10 -13.40
C TYR A 165 19.73 21.96 -12.71
N ALA A 166 20.65 22.52 -13.49
CA ALA A 166 21.86 23.20 -12.97
C ALA A 166 21.58 24.30 -11.94
N ASN A 167 20.55 25.08 -12.15
CA ASN A 167 20.26 26.15 -11.21
C ASN A 167 19.19 25.83 -10.10
N ALA A 168 18.77 24.59 -9.90
CA ALA A 168 18.61 23.96 -8.57
C ALA A 168 19.75 23.38 -7.80
N MET A 169 19.82 23.77 -6.52
CA MET A 169 20.81 23.19 -5.62
C MET A 169 20.25 21.88 -5.12
N ALA A 170 20.93 20.79 -5.47
CA ALA A 170 20.43 19.47 -5.23
C ALA A 170 21.00 18.93 -3.91
N VAL A 171 20.10 18.40 -3.08
CA VAL A 171 20.44 17.94 -1.72
C VAL A 171 20.17 16.47 -1.54
N GLY A 172 21.21 15.72 -1.15
CA GLY A 172 21.09 14.32 -0.74
C GLY A 172 20.94 14.15 0.80
N ALA A 173 20.68 12.91 1.24
CA ALA A 173 20.36 12.60 2.63
C ALA A 173 21.48 11.79 3.28
N THR A 174 21.88 12.20 4.49
CA THR A 174 22.78 11.41 5.33
C THR A 174 22.10 10.80 6.56
N ASP A 175 22.76 9.79 7.12
CA ASP A 175 22.30 9.16 8.33
C ASP A 175 23.12 9.64 9.55
N GLN A 176 22.90 9.00 10.70
CA GLN A 176 23.45 9.45 11.99
C GLN A 176 24.92 9.18 12.11
N ASN A 177 25.46 8.40 11.18
CA ASN A 177 26.91 8.22 11.08
C ASN A 177 27.55 8.97 9.93
N ASN A 178 26.90 10.03 9.44
CA ASN A 178 27.40 10.77 8.26
C ASN A 178 27.65 9.89 7.03
N ASN A 179 26.90 8.81 6.86
CA ASN A 179 26.96 8.00 5.65
C ASN A 179 25.78 8.35 4.74
N ARG A 180 25.95 8.17 3.41
CA ARG A 180 24.80 8.34 2.50
C ARG A 180 23.71 7.34 2.88
N ALA A 181 22.51 7.82 3.17
CA ALA A 181 21.37 6.93 3.31
C ALA A 181 21.21 6.17 1.96
N SER A 182 20.87 4.90 2.04
CA SER A 182 20.94 4.08 0.84
C SER A 182 19.92 4.48 -0.25
N PHE A 183 18.82 5.12 0.13
CA PHE A 183 17.85 5.59 -0.84
C PHE A 183 18.24 6.88 -1.57
N SER A 184 19.21 7.60 -1.01
CA SER A 184 19.53 8.94 -1.44
C SER A 184 20.21 8.91 -2.83
N GLN A 185 19.60 9.54 -3.83
CA GLN A 185 20.22 9.54 -5.19
C GLN A 185 21.45 10.44 -5.21
N TYR A 186 22.47 10.07 -6.01
CA TYR A 186 23.63 10.90 -6.20
C TYR A 186 24.02 11.02 -7.69
N GLY A 187 25.17 11.60 -7.97
CA GLY A 187 25.59 11.87 -9.34
C GLY A 187 26.18 13.25 -9.48
N ALA A 188 26.59 13.59 -10.69
CA ALA A 188 27.27 14.83 -10.90
C ALA A 188 26.37 16.03 -10.51
N GLY A 189 25.05 15.88 -10.56
CA GLY A 189 24.17 17.01 -10.24
C GLY A 189 24.08 17.38 -8.73
N LEU A 190 24.50 16.46 -7.87
CA LEU A 190 24.37 16.64 -6.42
C LEU A 190 25.22 17.82 -5.91
N ASP A 191 24.68 18.69 -5.06
CA ASP A 191 25.53 19.77 -4.51
C ASP A 191 26.04 19.56 -3.06
N ILE A 192 25.27 18.88 -2.22
CA ILE A 192 25.50 18.91 -0.77
C ILE A 192 24.55 17.85 -0.20
N VAL A 193 24.83 17.41 1.03
CA VAL A 193 23.95 16.48 1.71
C VAL A 193 23.58 17.04 3.11
N ALA A 194 22.53 16.45 3.67
CA ALA A 194 22.04 16.88 5.00
C ALA A 194 21.29 15.73 5.61
N PRO A 195 21.03 15.78 6.94
CA PRO A 195 20.35 14.66 7.64
C PRO A 195 18.98 14.34 7.05
N GLY A 196 18.73 13.07 6.81
CA GLY A 196 17.47 12.68 6.19
C GLY A 196 16.92 11.37 6.66
N VAL A 197 17.35 10.95 7.85
CA VAL A 197 16.89 9.71 8.43
C VAL A 197 16.40 10.02 9.87
N ASN A 198 15.25 9.45 10.23
CA ASN A 198 14.64 9.70 11.58
C ASN A 198 14.53 11.19 11.86
N VAL A 199 13.94 11.96 10.97
CA VAL A 199 13.84 13.40 11.11
C VAL A 199 12.46 13.74 11.69
N GLN A 200 12.44 14.11 12.97
CA GLN A 200 11.16 14.48 13.58
C GLN A 200 10.85 15.92 13.30
N SER A 201 9.63 16.19 12.87
CA SER A 201 9.26 17.57 12.62
C SER A 201 7.77 17.71 12.80
N THR A 202 7.26 18.90 12.49
CA THR A 202 5.86 19.22 12.66
C THR A 202 4.99 18.39 11.69
N TYR A 203 3.74 18.16 12.11
CA TYR A 203 2.80 17.28 11.36
C TYR A 203 1.34 17.72 11.66
N PRO A 204 0.46 17.69 10.66
CA PRO A 204 -0.87 18.26 10.86
C PRO A 204 -1.65 17.71 12.08
N GLY A 205 -2.58 18.49 12.60
CA GLY A 205 -3.30 18.14 13.86
C GLY A 205 -2.45 18.40 15.09
N SER A 206 -1.54 19.36 14.99
CA SER A 206 -0.63 19.72 16.09
C SER A 206 0.18 18.56 16.57
N THR A 207 0.65 17.69 15.66
CA THR A 207 1.47 16.53 15.98
C THR A 207 2.91 16.63 15.45
N TYR A 208 3.67 15.54 15.60
CA TYR A 208 5.03 15.48 15.20
C TYR A 208 5.20 14.10 14.62
N ALA A 209 6.16 13.94 13.71
CA ALA A 209 6.37 12.62 13.10
C ALA A 209 7.73 12.53 12.60
N SER A 210 8.28 11.32 12.60
CA SER A 210 9.63 11.00 12.19
C SER A 210 9.61 10.34 10.79
N LEU A 211 10.13 11.07 9.83
CA LEU A 211 10.18 10.61 8.42
C LEU A 211 11.62 10.47 7.96
N ASN A 212 11.81 9.69 6.89
CA ASN A 212 13.10 9.48 6.26
C ASN A 212 12.92 9.91 4.79
N GLY A 213 13.90 10.60 4.22
CA GLY A 213 13.80 10.94 2.79
C GLY A 213 14.78 12.01 2.45
N THR A 214 15.10 12.17 1.16
CA THR A 214 15.80 13.35 0.76
C THR A 214 14.91 14.57 0.88
N SER A 215 13.59 14.39 0.95
CA SER A 215 12.69 15.54 1.20
C SER A 215 12.95 16.20 2.57
N MET A 216 13.42 15.39 3.51
CA MET A 216 13.77 15.83 4.88
C MET A 216 15.14 16.49 4.92
N ALA A 217 16.03 16.04 4.04
CA ALA A 217 17.37 16.63 3.96
C ALA A 217 17.35 18.04 3.45
N THR A 218 16.62 18.25 2.33
CA THR A 218 16.54 19.55 1.67
C THR A 218 16.22 20.79 2.58
N PRO A 219 15.16 20.73 3.42
CA PRO A 219 14.85 21.85 4.34
C PRO A 219 16.02 22.20 5.27
N HIS A 220 16.89 21.26 5.59
CA HIS A 220 18.07 21.62 6.39
C HIS A 220 18.93 22.65 5.64
N VAL A 221 19.11 22.42 4.33
CA VAL A 221 19.85 23.35 3.49
C VAL A 221 19.11 24.67 3.23
N ALA A 222 17.81 24.62 2.97
CA ALA A 222 17.01 25.82 2.72
C ALA A 222 17.09 26.71 3.98
N GLY A 223 17.00 26.09 5.14
CA GLY A 223 17.19 26.82 6.41
C GLY A 223 18.58 27.43 6.57
N ALA A 224 19.62 26.65 6.29
CA ALA A 224 20.95 27.19 6.36
C ALA A 224 21.17 28.38 5.39
N ALA A 225 20.66 28.29 4.14
CA ALA A 225 20.66 29.42 3.20
C ALA A 225 20.07 30.68 3.83
N ALA A 226 18.96 30.51 4.56
CA ALA A 226 18.30 31.62 5.23
C ALA A 226 19.23 32.24 6.29
N LEU A 227 19.98 31.40 7.02
CA LEU A 227 20.97 31.92 8.01
C LEU A 227 22.07 32.75 7.35
N VAL A 228 22.65 32.21 6.28
CA VAL A 228 23.67 32.90 5.51
C VAL A 228 23.16 34.22 4.93
N LYS A 229 21.90 34.24 4.49
CA LYS A 229 21.31 35.43 3.90
C LYS A 229 21.04 36.50 4.95
N GLN A 230 20.67 36.07 6.16
CA GLN A 230 20.45 37.03 7.22
C GLN A 230 21.77 37.71 7.55
N LYS A 231 22.84 36.92 7.59
CA LYS A 231 24.16 37.44 7.88
C LYS A 231 24.69 38.34 6.75
N ASN A 232 24.38 37.98 5.50
CA ASN A 232 24.87 38.67 4.31
C ASN A 232 23.75 39.11 3.39
N PRO A 233 22.95 40.12 3.79
CA PRO A 233 21.77 40.47 2.99
C PRO A 233 22.02 40.89 1.51
N SER A 234 23.25 41.29 1.18
CA SER A 234 23.51 41.76 -0.19
C SER A 234 24.01 40.62 -1.10
N TRP A 235 24.29 39.46 -0.51
CA TRP A 235 24.65 38.26 -1.29
C TRP A 235 23.55 37.73 -2.24
N SER A 236 23.94 37.39 -3.47
CA SER A 236 23.04 36.72 -4.43
C SER A 236 22.74 35.28 -4.04
N ASN A 237 21.72 34.69 -4.70
CA ASN A 237 21.44 33.26 -4.58
C ASN A 237 22.69 32.42 -4.86
N VAL A 238 23.49 32.83 -5.85
CA VAL A 238 24.73 32.12 -6.23
C VAL A 238 25.81 32.17 -5.15
N GLN A 239 26.04 33.34 -4.59
CA GLN A 239 27.04 33.47 -3.52
C GLN A 239 26.65 32.62 -2.28
N ILE A 240 25.37 32.58 -1.95
CA ILE A 240 24.91 31.83 -0.79
C ILE A 240 25.18 30.35 -1.05
N ARG A 241 24.82 29.92 -2.25
CA ARG A 241 24.99 28.53 -2.67
C ARG A 241 26.44 28.07 -2.64
N ASN A 242 27.33 28.86 -3.23
CA ASN A 242 28.76 28.57 -3.20
C ASN A 242 29.33 28.54 -1.81
N HIS A 243 28.91 29.47 -0.98
CA HIS A 243 29.39 29.49 0.39
C HIS A 243 28.91 28.31 1.21
N LEU A 244 27.64 27.89 1.02
CA LEU A 244 27.20 26.67 1.70
C LEU A 244 28.04 25.48 1.27
N LYS A 245 28.35 25.38 -0.02
CA LYS A 245 29.23 24.29 -0.51
C LYS A 245 30.67 24.41 -0.04
N ASN A 246 31.24 25.62 -0.11
CA ASN A 246 32.63 25.82 0.32
C ASN A 246 32.89 25.51 1.79
N THR A 247 31.85 25.65 2.62
CA THR A 247 32.03 25.45 4.07
C THR A 247 31.47 24.12 4.60
N ALA A 248 30.86 23.33 3.70
CA ALA A 248 30.36 22.00 4.03
C ALA A 248 31.50 21.11 4.49
N THR A 249 31.18 20.18 5.37
CA THR A 249 32.11 19.18 5.81
C THR A 249 32.22 18.03 4.79
N SER A 250 33.41 17.92 4.18
CA SER A 250 33.59 16.92 3.13
C SER A 250 33.46 15.50 3.72
N LEU A 251 32.78 14.61 3.01
CA LEU A 251 32.52 13.26 3.53
C LEU A 251 33.12 12.11 2.72
N GLY A 252 33.85 12.46 1.68
CA GLY A 252 34.25 11.47 0.68
C GLY A 252 33.88 12.01 -0.68
N SER A 253 33.69 11.12 -1.64
CA SER A 253 33.60 11.49 -3.05
C SER A 253 32.57 12.58 -3.32
N THR A 254 32.90 13.57 -4.13
CA THR A 254 31.86 14.58 -4.48
C THR A 254 30.67 14.00 -5.31
N ASN A 255 30.88 12.83 -5.89
CA ASN A 255 29.82 12.21 -6.70
C ASN A 255 28.71 11.65 -5.80
N LEU A 256 29.10 11.16 -4.63
CA LEU A 256 28.18 10.57 -3.67
C LEU A 256 27.60 11.62 -2.72
N TYR A 257 28.37 12.66 -2.41
CA TYR A 257 28.00 13.65 -1.36
C TYR A 257 28.00 15.10 -1.82
N GLY A 258 28.37 15.38 -3.07
CA GLY A 258 28.61 16.75 -3.48
C GLY A 258 29.68 17.35 -2.55
N SER A 259 29.53 18.60 -2.14
CA SER A 259 30.50 19.26 -1.24
CA SER A 259 30.51 19.25 -1.25
C SER A 259 30.57 18.59 0.14
N GLY A 260 29.56 17.84 0.52
CA GLY A 260 29.55 17.17 1.83
C GLY A 260 28.40 17.67 2.70
N LEU A 261 28.56 17.51 4.02
CA LEU A 261 27.51 17.79 4.98
C LEU A 261 27.37 19.27 5.24
N VAL A 262 26.18 19.82 5.03
CA VAL A 262 25.97 21.24 5.28
C VAL A 262 26.35 21.59 6.74
N ASN A 263 26.97 22.74 6.92
CA ASN A 263 27.49 23.15 8.23
C ASN A 263 27.12 24.59 8.46
N ALA A 264 26.02 24.79 9.16
CA ALA A 264 25.51 26.15 9.37
C ALA A 264 26.45 26.98 10.25
N GLU A 265 27.24 26.34 11.12
CA GLU A 265 28.22 27.04 11.91
C GLU A 265 29.34 27.58 11.01
N ALA A 266 29.98 26.73 10.20
CA ALA A 266 31.04 27.21 9.30
C ALA A 266 30.53 28.20 8.24
N ALA A 267 29.31 27.99 7.75
CA ALA A 267 28.73 28.88 6.74
C ALA A 267 28.47 30.31 7.27
N THR A 268 28.42 30.49 8.59
CA THR A 268 28.02 31.79 9.14
C THR A 268 29.12 32.42 10.00
N ARG A 269 30.26 31.75 10.02
CA ARG A 269 31.44 32.17 10.73
C ARG A 269 32.24 33.26 9.98
N ALA B 1 -22.28 -11.58 -23.55
CA ALA B 1 -21.95 -13.02 -23.77
C ALA B 1 -21.26 -13.64 -22.53
N GLN B 2 -21.48 -14.93 -22.30
CA GLN B 2 -20.92 -15.61 -21.16
C GLN B 2 -19.55 -16.23 -21.45
N SER B 3 -18.61 -15.99 -20.54
CA SER B 3 -17.26 -16.52 -20.63
C SER B 3 -17.11 -17.71 -19.68
N VAL B 4 -16.38 -18.72 -20.11
CA VAL B 4 -15.97 -19.76 -19.19
C VAL B 4 -14.52 -19.44 -18.78
N PRO B 5 -14.31 -19.10 -17.50
CA PRO B 5 -12.92 -18.81 -17.05
C PRO B 5 -12.06 -20.05 -17.25
N TRP B 6 -10.79 -19.88 -17.51
CA TRP B 6 -9.95 -21.00 -17.88
C TRP B 6 -9.97 -22.10 -16.80
N GLY B 7 -10.11 -21.72 -15.54
CA GLY B 7 -10.01 -22.71 -14.47
C GLY B 7 -11.27 -23.57 -14.37
N ILE B 8 -12.40 -22.98 -14.75
CA ILE B 8 -13.61 -23.80 -14.89
C ILE B 8 -13.41 -24.91 -15.94
N SER B 9 -12.83 -24.58 -17.10
CA SER B 9 -12.41 -25.61 -18.09
C SER B 9 -11.38 -26.59 -17.52
N ARG B 10 -10.31 -26.08 -16.89
CA ARG B 10 -9.25 -26.94 -16.35
C ARG B 10 -9.79 -28.02 -15.39
N VAL B 11 -10.70 -27.65 -14.49
CA VAL B 11 -11.29 -28.65 -13.61
C VAL B 11 -12.40 -29.49 -14.35
N GLN B 12 -12.71 -29.15 -15.59
CA GLN B 12 -13.65 -29.95 -16.44
C GLN B 12 -15.08 -29.95 -15.93
N ALA B 13 -15.46 -28.83 -15.32
CA ALA B 13 -16.81 -28.65 -14.86
C ALA B 13 -17.84 -28.78 -16.01
N PRO B 14 -17.55 -28.20 -17.21
CA PRO B 14 -18.60 -28.26 -18.26
C PRO B 14 -18.93 -29.69 -18.71
N ALA B 15 -17.95 -30.59 -18.71
CA ALA B 15 -18.26 -32.01 -18.91
C ALA B 15 -19.18 -32.62 -17.82
N ALA B 16 -19.06 -32.17 -16.56
CA ALA B 16 -19.99 -32.59 -15.52
C ALA B 16 -21.38 -31.97 -15.76
N HIS B 17 -21.40 -30.74 -16.28
CA HIS B 17 -22.69 -30.09 -16.55
C HIS B 17 -23.41 -30.81 -17.70
N ASN B 18 -22.66 -31.52 -18.53
CA ASN B 18 -23.26 -32.22 -19.64
C ASN B 18 -23.99 -33.50 -19.24
N ARG B 19 -23.63 -34.07 -18.08
CA ARG B 19 -24.44 -35.15 -17.52
C ARG B 19 -25.46 -34.54 -16.58
N GLY B 20 -25.81 -33.28 -16.80
CA GLY B 20 -26.80 -32.63 -15.95
C GLY B 20 -26.38 -32.42 -14.51
N LEU B 21 -25.08 -32.46 -14.23
CA LEU B 21 -24.60 -32.21 -12.86
C LEU B 21 -24.23 -30.74 -12.76
N THR B 22 -24.97 -30.03 -11.91
CA THR B 22 -24.94 -28.57 -11.86
C THR B 22 -24.86 -28.05 -10.43
N GLY B 23 -25.08 -28.93 -9.47
CA GLY B 23 -25.09 -28.53 -8.07
C GLY B 23 -26.46 -28.38 -7.44
N SER B 24 -27.54 -28.60 -8.22
CA SER B 24 -28.89 -28.39 -7.66
CA SER B 24 -28.93 -28.49 -7.74
C SER B 24 -29.16 -29.21 -6.43
N GLY B 25 -29.79 -28.55 -5.46
CA GLY B 25 -30.14 -29.18 -4.18
C GLY B 25 -29.03 -29.13 -3.14
N VAL B 26 -27.83 -28.73 -3.55
CA VAL B 26 -26.67 -28.73 -2.64
C VAL B 26 -26.49 -27.34 -2.06
N LYS B 27 -26.52 -27.27 -0.72
CA LYS B 27 -26.40 -26.00 -0.02
C LYS B 27 -24.95 -25.70 0.32
N VAL B 28 -24.44 -24.58 -0.21
CA VAL B 28 -23.03 -24.22 -0.09
C VAL B 28 -22.96 -22.89 0.62
N ALA B 29 -22.33 -22.92 1.80
CA ALA B 29 -22.07 -21.72 2.58
C ALA B 29 -20.73 -21.09 2.17
N VAL B 30 -20.73 -19.80 1.90
CA VAL B 30 -19.47 -19.09 1.67
C VAL B 30 -19.11 -18.27 2.94
N LEU B 31 -18.14 -18.75 3.72
CA LEU B 31 -17.69 -17.96 4.89
C LEU B 31 -16.58 -16.97 4.50
N ASP B 32 -16.94 -15.70 4.42
CA ASP B 32 -16.04 -14.71 3.82
C ASP B 32 -16.49 -13.31 4.22
N THR B 33 -16.26 -12.34 3.33
CA THR B 33 -16.60 -10.94 3.56
C THR B 33 -18.05 -10.62 3.23
N GLY B 34 -18.89 -11.63 3.00
CA GLY B 34 -20.24 -11.42 2.43
C GLY B 34 -20.37 -11.73 0.93
N ILE B 35 -21.58 -11.63 0.38
CA ILE B 35 -21.79 -11.78 -1.08
C ILE B 35 -22.72 -10.67 -1.53
N SER B 36 -22.27 -9.86 -2.50
CA SER B 36 -23.10 -8.81 -3.01
C SER B 36 -24.05 -9.36 -4.03
N THR B 37 -25.26 -8.82 -4.07
CA THR B 37 -26.20 -9.31 -5.08
C THR B 37 -25.69 -8.90 -6.50
N HIS B 38 -25.71 -9.83 -7.42
CA HIS B 38 -25.03 -9.68 -8.70
C HIS B 38 -25.92 -10.28 -9.78
N PRO B 39 -25.97 -9.65 -10.95
CA PRO B 39 -26.84 -10.29 -11.92
C PRO B 39 -26.40 -11.70 -12.34
N ASP B 40 -25.16 -12.10 -12.04
CA ASP B 40 -24.75 -13.46 -12.42
C ASP B 40 -24.63 -14.39 -11.21
N LEU B 41 -25.27 -14.02 -10.10
CA LEU B 41 -25.40 -14.86 -8.91
C LEU B 41 -26.84 -14.89 -8.43
N ASN B 42 -27.25 -16.03 -7.88
CA ASN B 42 -28.47 -16.14 -7.09
C ASN B 42 -28.14 -16.50 -5.62
N ILE B 43 -28.41 -15.58 -4.70
CA ILE B 43 -28.09 -15.85 -3.30
C ILE B 43 -29.34 -16.29 -2.52
N ARG B 44 -29.31 -17.50 -1.96
CA ARG B 44 -30.50 -18.05 -1.30
C ARG B 44 -30.75 -17.47 0.09
N GLY B 45 -29.70 -16.94 0.72
CA GLY B 45 -29.77 -16.53 2.12
C GLY B 45 -28.40 -16.39 2.75
N GLY B 46 -28.33 -16.58 4.05
CA GLY B 46 -27.08 -16.40 4.77
C GLY B 46 -27.34 -15.63 6.03
N ALA B 47 -26.25 -15.14 6.65
CA ALA B 47 -26.29 -14.51 7.96
C ALA B 47 -24.97 -13.78 8.18
N SER B 48 -24.98 -12.71 8.98
CA SER B 48 -23.71 -12.04 9.35
C SER B 48 -23.32 -12.29 10.80
N PHE B 49 -22.01 -12.38 11.06
CA PHE B 49 -21.51 -12.52 12.42
C PHE B 49 -20.39 -11.54 12.67
N VAL B 50 -20.40 -10.44 11.92
CA VAL B 50 -19.39 -9.39 12.11
C VAL B 50 -20.02 -8.17 12.80
N PRO B 51 -19.52 -7.83 14.02
CA PRO B 51 -20.09 -6.72 14.81
C PRO B 51 -19.99 -5.43 14.01
N GLY B 52 -21.05 -4.63 14.03
CA GLY B 52 -21.11 -3.40 13.25
C GLY B 52 -21.46 -3.59 11.78
N GLU B 53 -21.31 -4.81 11.26
CA GLU B 53 -21.53 -5.04 9.84
C GLU B 53 -22.63 -6.09 9.64
N PRO B 54 -23.90 -5.67 9.84
CA PRO B 54 -25.04 -6.57 9.98
C PRO B 54 -25.63 -7.19 8.70
N SER B 55 -25.42 -6.60 7.53
CA SER B 55 -26.01 -7.26 6.34
C SER B 55 -25.07 -8.34 5.76
N THR B 56 -25.56 -9.12 4.81
CA THR B 56 -24.71 -10.11 4.18
C THR B 56 -23.99 -9.57 2.93
N GLN B 57 -24.14 -8.26 2.66
CA GLN B 57 -23.57 -7.63 1.46
C GLN B 57 -22.05 -7.46 1.57
N ASP B 58 -21.36 -7.48 0.44
CA ASP B 58 -19.90 -7.60 0.45
C ASP B 58 -19.31 -6.22 0.25
N GLY B 59 -18.67 -5.72 1.31
CA GLY B 59 -17.97 -4.44 1.29
C GLY B 59 -16.53 -4.56 0.82
N ASN B 60 -16.05 -5.79 0.63
CA ASN B 60 -14.67 -6.05 0.25
C ASN B 60 -14.52 -6.48 -1.23
N GLY B 61 -15.30 -7.48 -1.64
CA GLY B 61 -15.27 -8.01 -2.99
C GLY B 61 -14.79 -9.45 -3.00
N HIS B 62 -14.02 -9.85 -1.99
CA HIS B 62 -13.39 -11.19 -1.95
C HIS B 62 -14.45 -12.30 -1.92
N GLY B 63 -15.41 -12.18 -1.00
CA GLY B 63 -16.50 -13.18 -0.89
C GLY B 63 -17.41 -13.25 -2.12
N THR B 64 -17.65 -12.15 -2.79
CA THR B 64 -18.43 -12.17 -4.05
C THR B 64 -17.67 -12.92 -5.16
N HIS B 65 -16.36 -12.72 -5.20
CA HIS B 65 -15.51 -13.37 -6.20
C HIS B 65 -15.47 -14.88 -5.96
N VAL B 66 -15.25 -15.28 -4.70
CA VAL B 66 -15.23 -16.71 -4.33
C VAL B 66 -16.61 -17.37 -4.69
N ALA B 67 -17.69 -16.64 -4.43
CA ALA B 67 -19.04 -17.15 -4.71
C ALA B 67 -19.24 -17.47 -6.18
N GLY B 68 -18.64 -16.66 -7.07
CA GLY B 68 -18.88 -16.84 -8.49
C GLY B 68 -18.09 -17.98 -9.06
N THR B 69 -16.95 -18.31 -8.46
CA THR B 69 -16.18 -19.48 -8.88
C THR B 69 -16.97 -20.77 -8.56
N ILE B 70 -17.66 -20.77 -7.42
CA ILE B 70 -18.53 -21.87 -7.00
C ILE B 70 -19.79 -21.91 -7.86
N ALA B 71 -20.48 -20.77 -7.96
CA ALA B 71 -21.85 -20.77 -8.47
C ALA B 71 -22.29 -19.66 -9.42
N ALA B 72 -21.40 -19.06 -10.20
CA ALA B 72 -21.88 -18.10 -11.22
C ALA B 72 -22.89 -18.78 -12.18
N LEU B 73 -23.97 -18.05 -12.49
CA LEU B 73 -25.11 -18.61 -13.22
C LEU B 73 -24.76 -18.93 -14.66
N ASN B 74 -25.41 -19.97 -15.16
CA ASN B 74 -25.20 -20.49 -16.52
C ASN B 74 -26.24 -19.88 -17.47
N ASN B 75 -25.80 -18.90 -18.26
CA ASN B 75 -26.75 -18.02 -18.90
C ASN B 75 -26.08 -17.25 -20.00
N SER B 76 -26.55 -16.03 -20.13
CA SER B 76 -26.26 -15.15 -21.22
C SER B 76 -25.10 -14.18 -20.91
N ILE B 77 -24.66 -14.12 -19.65
CA ILE B 77 -23.78 -13.05 -19.22
C ILE B 77 -22.63 -13.55 -18.32
N GLY B 78 -21.64 -12.68 -18.09
CA GLY B 78 -20.69 -12.92 -17.02
C GLY B 78 -19.82 -14.13 -17.21
N VAL B 79 -19.80 -14.98 -16.19
CA VAL B 79 -18.87 -16.11 -16.19
C VAL B 79 -19.68 -17.36 -15.92
N LEU B 80 -19.06 -18.40 -15.40
CA LEU B 80 -19.78 -19.64 -15.15
C LEU B 80 -19.18 -20.35 -13.96
N GLY B 81 -20.03 -20.75 -13.02
CA GLY B 81 -19.61 -21.48 -11.83
C GLY B 81 -19.27 -22.93 -12.10
N VAL B 82 -18.49 -23.54 -11.20
CA VAL B 82 -18.22 -24.98 -11.27
C VAL B 82 -19.56 -25.71 -11.05
N ALA B 83 -20.34 -25.23 -10.08
CA ALA B 83 -21.71 -25.74 -9.81
C ALA B 83 -22.75 -24.61 -9.93
N PRO B 84 -23.19 -24.28 -11.16
CA PRO B 84 -24.03 -23.10 -11.37
C PRO B 84 -25.40 -23.12 -10.65
N SER B 85 -25.86 -24.30 -10.22
CA SER B 85 -27.20 -24.43 -9.60
C SER B 85 -27.12 -24.79 -8.14
N ALA B 86 -25.98 -24.49 -7.53
CA ALA B 86 -25.79 -24.71 -6.11
C ALA B 86 -26.67 -23.70 -5.41
N GLU B 87 -27.06 -24.01 -4.18
CA GLU B 87 -27.86 -23.09 -3.36
C GLU B 87 -26.85 -22.36 -2.49
N LEU B 88 -26.76 -21.05 -2.68
CA LEU B 88 -25.60 -20.31 -2.22
C LEU B 88 -25.93 -19.49 -0.99
N TYR B 89 -25.13 -19.63 0.05
CA TYR B 89 -25.40 -18.89 1.28
C TYR B 89 -24.29 -17.94 1.70
N ALA B 90 -24.65 -16.68 1.95
CA ALA B 90 -23.66 -15.68 2.34
C ALA B 90 -23.46 -15.61 3.85
N VAL B 91 -22.36 -16.18 4.33
CA VAL B 91 -22.10 -16.19 5.76
C VAL B 91 -20.95 -15.25 6.04
N LYS B 92 -21.26 -14.02 6.44
CA LYS B 92 -20.23 -13.01 6.67
C LYS B 92 -19.53 -13.24 8.01
N VAL B 93 -18.26 -13.62 7.95
CA VAL B 93 -17.44 -13.81 9.13
C VAL B 93 -16.21 -12.92 9.11
N LEU B 94 -16.00 -12.20 7.99
CA LEU B 94 -14.87 -11.25 7.92
C LEU B 94 -15.44 -9.89 7.60
N GLY B 95 -14.82 -8.85 8.15
CA GLY B 95 -15.22 -7.48 7.88
C GLY B 95 -14.79 -7.01 6.49
N ALA B 96 -15.27 -5.84 6.10
CA ALA B 96 -14.83 -5.21 4.83
C ALA B 96 -13.32 -5.13 4.80
N SER B 97 -12.68 -4.98 5.95
CA SER B 97 -11.20 -5.05 6.02
C SER B 97 -10.58 -6.37 5.52
N GLY B 98 -11.36 -7.46 5.52
CA GLY B 98 -10.85 -8.77 5.11
C GLY B 98 -10.34 -9.58 6.29
N SER B 99 -10.61 -9.12 7.52
CA SER B 99 -10.19 -9.91 8.68
C SER B 99 -11.35 -10.18 9.63
N GLY B 100 -11.23 -11.28 10.36
CA GLY B 100 -12.26 -11.75 11.30
C GLY B 100 -11.64 -12.34 12.54
N SER B 101 -12.36 -12.28 13.66
CA SER B 101 -11.88 -12.85 14.94
C SER B 101 -12.24 -14.31 14.94
N VAL B 102 -11.64 -15.08 15.84
CA VAL B 102 -12.06 -16.46 16.06
C VAL B 102 -13.58 -16.60 16.25
N SER B 103 -14.15 -15.74 17.09
CA SER B 103 -15.59 -15.81 17.36
C SER B 103 -16.50 -15.62 16.16
N SER B 104 -16.26 -14.60 15.31
CA SER B 104 -17.02 -14.50 14.05
C SER B 104 -16.99 -15.76 13.19
N ILE B 105 -15.81 -16.34 13.03
CA ILE B 105 -15.67 -17.51 12.14
C ILE B 105 -16.31 -18.74 12.78
N ALA B 106 -16.10 -18.91 14.09
CA ALA B 106 -16.74 -19.98 14.88
C ALA B 106 -18.26 -19.98 14.74
N GLN B 107 -18.88 -18.80 14.82
CA GLN B 107 -20.33 -18.64 14.72
C GLN B 107 -20.87 -18.85 13.32
N GLY B 108 -20.03 -18.56 12.31
CA GLY B 108 -20.42 -18.81 10.93
C GLY B 108 -20.52 -20.30 10.69
N LEU B 109 -19.56 -21.03 11.24
CA LEU B 109 -19.49 -22.47 11.14
C LEU B 109 -20.64 -23.14 11.88
N GLU B 110 -21.00 -22.61 13.07
CA GLU B 110 -22.12 -23.20 13.85
C GLU B 110 -23.40 -23.04 13.02
N TRP B 111 -23.68 -21.79 12.56
CA TRP B 111 -24.76 -21.55 11.60
C TRP B 111 -24.78 -22.55 10.44
N ALA B 112 -23.64 -22.77 9.76
CA ALA B 112 -23.55 -23.80 8.69
C ALA B 112 -24.10 -25.18 9.13
N GLY B 113 -23.65 -25.59 10.32
CA GLY B 113 -24.14 -26.79 11.01
C GLY B 113 -25.65 -26.78 11.25
N ASN B 114 -26.17 -25.72 11.88
CA ASN B 114 -27.62 -25.60 12.16
C ASN B 114 -28.52 -25.40 10.94
N ASN B 115 -27.93 -24.99 9.83
CA ASN B 115 -28.78 -24.69 8.69
C ASN B 115 -28.70 -25.69 7.56
N GLY B 116 -28.17 -26.86 7.90
CA GLY B 116 -28.01 -27.96 6.92
C GLY B 116 -27.19 -27.65 5.68
N MET B 117 -26.19 -26.78 5.79
CA MET B 117 -25.20 -26.61 4.71
C MET B 117 -24.46 -27.94 4.45
N HIS B 118 -24.25 -28.26 3.19
CA HIS B 118 -23.48 -29.44 2.82
C HIS B 118 -21.98 -29.17 2.73
N VAL B 119 -21.62 -27.94 2.37
CA VAL B 119 -20.24 -27.56 2.09
C VAL B 119 -20.04 -26.17 2.68
N ALA B 120 -18.90 -25.93 3.31
CA ALA B 120 -18.55 -24.59 3.71
C ALA B 120 -17.18 -24.29 3.11
N ASN B 121 -17.10 -23.18 2.37
CA ASN B 121 -15.86 -22.73 1.76
C ASN B 121 -15.29 -21.64 2.67
N LEU B 122 -14.09 -21.89 3.21
CA LEU B 122 -13.33 -20.91 4.01
C LEU B 122 -12.05 -20.44 3.27
N SER B 123 -12.18 -19.37 2.48
CA SER B 123 -11.03 -18.81 1.79
C SER B 123 -10.43 -17.73 2.69
N LEU B 124 -9.88 -18.21 3.81
CA LEU B 124 -9.34 -17.36 4.88
C LEU B 124 -8.38 -18.21 5.71
N GLY B 125 -7.50 -17.56 6.43
CA GLY B 125 -6.67 -18.28 7.36
C GLY B 125 -5.63 -17.41 8.02
N SER B 126 -4.70 -18.10 8.67
CA SER B 126 -3.53 -17.52 9.28
C SER B 126 -2.62 -18.66 9.73
N PRO B 127 -1.33 -18.37 9.99
CA PRO B 127 -0.37 -19.39 10.34
C PRO B 127 -0.61 -19.90 11.75
N SER B 128 -1.42 -19.21 12.55
CA SER B 128 -1.52 -19.64 13.96
C SER B 128 -2.76 -20.49 14.24
N PRO B 129 -2.58 -21.60 15.00
CA PRO B 129 -3.73 -22.46 15.31
C PRO B 129 -4.59 -21.80 16.37
N SER B 130 -5.85 -22.22 16.48
CA SER B 130 -6.72 -21.85 17.60
C SER B 130 -7.64 -23.02 17.93
N ALA B 131 -7.66 -23.43 19.20
CA ALA B 131 -8.42 -24.60 19.65
C ALA B 131 -9.90 -24.36 19.43
N THR B 132 -10.33 -23.13 19.65
CA THR B 132 -11.71 -22.75 19.50
C THR B 132 -12.13 -22.86 18.02
N LEU B 133 -11.18 -22.61 17.12
CA LEU B 133 -11.44 -22.74 15.70
C LEU B 133 -11.45 -24.23 15.32
N GLU B 134 -10.49 -24.97 15.82
CA GLU B 134 -10.49 -26.43 15.64
C GLU B 134 -11.80 -27.07 16.08
N GLN B 135 -12.19 -26.80 17.34
CA GLN B 135 -13.48 -27.24 17.89
C GLN B 135 -14.61 -26.99 16.91
N ALA B 136 -14.71 -25.76 16.40
CA ALA B 136 -15.85 -25.41 15.51
C ALA B 136 -15.84 -26.11 14.14
N VAL B 137 -14.65 -26.38 13.61
CA VAL B 137 -14.52 -27.14 12.38
C VAL B 137 -14.96 -28.60 12.63
N ASN B 138 -14.63 -29.11 13.81
CA ASN B 138 -14.96 -30.50 14.18
C ASN B 138 -16.43 -30.73 14.34
N SER B 139 -17.10 -29.75 14.92
CA SER B 139 -18.52 -29.81 15.18
C SER B 139 -19.38 -29.65 13.91
N ALA B 140 -18.98 -28.78 12.98
CA ALA B 140 -19.72 -28.64 11.73
C ALA B 140 -19.53 -29.88 10.86
N THR B 141 -18.34 -30.49 10.97
CA THR B 141 -18.05 -31.72 10.24
C THR B 141 -18.89 -32.88 10.78
N SER B 142 -18.87 -33.05 12.10
CA SER B 142 -19.71 -34.05 12.78
C SER B 142 -21.19 -33.85 12.38
N ARG B 143 -21.63 -32.60 12.24
CA ARG B 143 -22.98 -32.33 11.75
C ARG B 143 -23.15 -32.27 10.22
N GLY B 144 -22.22 -32.87 9.47
CA GLY B 144 -22.44 -33.11 8.03
C GLY B 144 -21.88 -32.07 7.05
N VAL B 145 -21.17 -31.06 7.57
CA VAL B 145 -20.61 -30.00 6.72
C VAL B 145 -19.24 -30.38 6.21
N LEU B 146 -19.06 -30.35 4.90
CA LEU B 146 -17.73 -30.52 4.34
C LEU B 146 -17.05 -29.14 4.33
N VAL B 147 -15.99 -29.00 5.10
CA VAL B 147 -15.26 -27.74 5.19
C VAL B 147 -14.10 -27.82 4.20
N VAL B 148 -14.08 -26.87 3.28
CA VAL B 148 -12.98 -26.72 2.33
C VAL B 148 -12.26 -25.39 2.64
N ALA B 149 -10.92 -25.41 2.69
CA ALA B 149 -10.13 -24.22 3.08
C ALA B 149 -8.85 -23.96 2.26
N ALA B 150 -8.49 -22.69 2.10
CA ALA B 150 -7.32 -22.30 1.32
C ALA B 150 -6.05 -22.68 2.09
N SER B 151 -5.02 -23.21 1.41
CA SER B 151 -3.74 -23.56 2.05
C SER B 151 -2.86 -22.37 2.46
N GLY B 152 -3.08 -21.21 1.83
CA GLY B 152 -2.39 -20.01 2.22
C GLY B 152 -1.49 -19.46 1.14
N ASN B 153 -1.12 -18.20 1.30
CA ASN B 153 -0.44 -17.47 0.26
C ASN B 153 0.98 -17.05 0.66
N SER B 154 1.51 -17.62 1.74
CA SER B 154 2.85 -17.25 2.24
C SER B 154 3.94 -17.82 1.35
N GLY B 155 3.57 -18.80 0.54
CA GLY B 155 4.56 -19.59 -0.19
C GLY B 155 5.32 -20.63 0.63
N ALA B 156 5.02 -20.79 1.93
CA ALA B 156 5.82 -21.68 2.79
C ALA B 156 5.47 -23.16 2.54
N GLY B 157 6.36 -24.05 2.96
CA GLY B 157 6.13 -25.51 2.92
C GLY B 157 5.37 -26.09 4.11
N SER B 158 4.54 -25.29 4.76
CA SER B 158 3.55 -25.84 5.67
C SER B 158 2.30 -24.95 5.46
N ILE B 159 1.13 -25.43 5.85
CA ILE B 159 -0.09 -24.79 5.41
C ILE B 159 -0.76 -23.99 6.50
N SER B 160 -1.61 -23.03 6.13
CA SER B 160 -2.36 -22.21 7.08
CA SER B 160 -2.31 -22.23 7.14
C SER B 160 -3.48 -22.95 7.82
N TYR B 161 -3.94 -22.36 8.93
CA TYR B 161 -5.15 -22.78 9.65
C TYR B 161 -6.31 -21.88 9.26
N PRO B 162 -7.54 -22.40 9.18
CA PRO B 162 -7.92 -23.75 9.58
C PRO B 162 -7.62 -24.88 8.58
N ALA B 163 -7.00 -24.62 7.40
CA ALA B 163 -6.87 -25.69 6.39
C ALA B 163 -6.07 -26.87 6.94
N ARG B 164 -5.13 -26.57 7.83
CA ARG B 164 -4.25 -27.57 8.41
C ARG B 164 -4.92 -28.58 9.37
N TYR B 165 -6.02 -28.21 9.98
CA TYR B 165 -6.82 -29.18 10.74
C TYR B 165 -7.28 -30.37 9.87
N ALA B 166 -7.35 -31.55 10.45
CA ALA B 166 -7.75 -32.76 9.69
C ALA B 166 -9.11 -32.71 8.97
N ASN B 167 -10.07 -31.97 9.48
CA ASN B 167 -11.42 -31.97 8.93
C ASN B 167 -11.91 -30.69 8.25
N ALA B 168 -11.11 -29.63 8.06
CA ALA B 168 -10.60 -29.05 6.77
C ALA B 168 -9.95 -29.72 5.57
N MET B 169 -10.61 -29.70 4.42
CA MET B 169 -9.91 -30.09 3.19
C MET B 169 -9.07 -28.88 2.70
N ALA B 170 -7.76 -29.08 2.63
CA ALA B 170 -6.79 -28.01 2.32
C ALA B 170 -6.48 -27.91 0.81
N VAL B 171 -6.70 -26.73 0.24
CA VAL B 171 -6.54 -26.57 -1.19
C VAL B 171 -5.47 -25.54 -1.55
N GLY B 172 -4.51 -25.93 -2.38
CA GLY B 172 -3.52 -25.00 -2.91
C GLY B 172 -3.85 -24.60 -4.35
N ALA B 173 -3.01 -23.75 -4.95
CA ALA B 173 -3.28 -23.13 -6.20
C ALA B 173 -2.31 -23.56 -7.29
N THR B 174 -2.86 -23.87 -8.46
CA THR B 174 -2.05 -24.17 -9.65
C THR B 174 -2.21 -23.08 -10.70
N ASP B 175 -1.27 -23.01 -11.60
CA ASP B 175 -1.31 -22.02 -12.69
C ASP B 175 -1.72 -22.69 -13.99
N GLN B 176 -1.63 -21.94 -15.09
CA GLN B 176 -2.15 -22.40 -16.39
C GLN B 176 -1.39 -23.56 -17.02
N ASN B 177 -0.22 -23.85 -16.47
CA ASN B 177 0.56 -25.02 -16.88
C ASN B 177 0.54 -26.14 -15.87
N ASN B 178 -0.36 -26.05 -14.90
CA ASN B 178 -0.47 -27.07 -13.88
C ASN B 178 0.70 -27.11 -12.91
N ASN B 179 1.41 -26.00 -12.74
CA ASN B 179 2.46 -25.90 -11.76
C ASN B 179 1.96 -25.18 -10.54
N ARG B 180 2.54 -25.46 -9.38
CA ARG B 180 2.18 -24.76 -8.16
C ARG B 180 2.40 -23.26 -8.38
N ALA B 181 1.42 -22.44 -8.04
CA ALA B 181 1.63 -21.00 -8.01
C ALA B 181 2.68 -20.68 -6.94
N SER B 182 3.63 -19.79 -7.27
CA SER B 182 4.73 -19.50 -6.34
C SER B 182 4.26 -19.24 -4.90
N PHE B 183 3.19 -18.44 -4.73
CA PHE B 183 2.63 -18.11 -3.42
C PHE B 183 1.91 -19.27 -2.69
N SER B 184 1.60 -20.35 -3.39
CA SER B 184 0.70 -21.35 -2.84
C SER B 184 1.39 -22.20 -1.77
N GLN B 185 0.81 -22.25 -0.59
CA GLN B 185 1.48 -22.94 0.52
C GLN B 185 1.30 -24.43 0.27
N TYR B 186 2.24 -25.23 0.74
CA TYR B 186 2.21 -26.67 0.47
C TYR B 186 2.71 -27.44 1.71
N GLY B 187 2.98 -28.72 1.54
CA GLY B 187 3.53 -29.51 2.66
C GLY B 187 2.55 -30.52 3.22
N ALA B 188 2.90 -31.05 4.39
CA ALA B 188 2.24 -32.21 4.99
C ALA B 188 0.72 -32.20 4.83
N GLY B 189 0.10 -31.13 5.33
CA GLY B 189 -1.35 -30.99 5.34
C GLY B 189 -2.08 -30.85 3.99
N LEU B 190 -1.39 -30.53 2.89
CA LEU B 190 -2.11 -30.24 1.63
C LEU B 190 -2.96 -31.43 1.11
N ASP B 191 -4.18 -31.18 0.67
CA ASP B 191 -5.04 -32.28 0.19
C ASP B 191 -5.11 -32.36 -1.32
N ILE B 192 -5.09 -31.22 -2.01
CA ILE B 192 -5.44 -31.18 -3.40
C ILE B 192 -5.19 -29.75 -3.88
N VAL B 193 -5.10 -29.55 -5.18
CA VAL B 193 -4.94 -28.22 -5.75
C VAL B 193 -5.98 -27.90 -6.84
N ALA B 194 -6.14 -26.61 -7.15
CA ALA B 194 -7.07 -26.16 -8.20
C ALA B 194 -6.54 -24.84 -8.77
N PRO B 195 -7.04 -24.38 -9.97
CA PRO B 195 -6.61 -23.12 -10.60
C PRO B 195 -6.78 -21.97 -9.58
N GLY B 196 -5.73 -21.15 -9.45
CA GLY B 196 -5.72 -20.04 -8.51
C GLY B 196 -4.92 -18.86 -9.02
N VAL B 197 -4.79 -18.74 -10.35
CA VAL B 197 -4.07 -17.67 -10.96
C VAL B 197 -4.97 -17.11 -12.11
N ASN B 198 -5.02 -15.78 -12.30
CA ASN B 198 -5.89 -15.15 -13.30
C ASN B 198 -7.34 -15.72 -13.26
N VAL B 199 -7.96 -15.76 -12.08
CA VAL B 199 -9.29 -16.35 -11.95
C VAL B 199 -10.31 -15.26 -12.06
N GLN B 200 -10.97 -15.18 -13.22
CA GLN B 200 -12.01 -14.20 -13.38
C GLN B 200 -13.29 -14.67 -12.73
N SER B 201 -13.98 -13.76 -12.04
CA SER B 201 -15.20 -14.08 -11.32
C SER B 201 -15.95 -12.82 -11.02
N THR B 202 -17.12 -12.99 -10.42
CA THR B 202 -18.04 -11.91 -10.12
C THR B 202 -17.44 -10.98 -9.08
N TYR B 203 -17.84 -9.72 -9.12
CA TYR B 203 -17.25 -8.74 -8.24
C TYR B 203 -18.29 -7.63 -8.00
N PRO B 204 -18.33 -7.02 -6.79
CA PRO B 204 -19.39 -6.02 -6.53
C PRO B 204 -19.51 -4.93 -7.56
N GLY B 205 -20.69 -4.34 -7.64
CA GLY B 205 -21.02 -3.31 -8.64
C GLY B 205 -21.42 -3.91 -9.98
N SER B 206 -21.87 -5.17 -9.98
CA SER B 206 -22.12 -5.96 -11.21
C SER B 206 -20.92 -6.03 -12.13
N THR B 207 -19.72 -6.23 -11.59
CA THR B 207 -18.50 -6.26 -12.40
C THR B 207 -17.87 -7.66 -12.29
N TYR B 208 -16.67 -7.83 -12.85
CA TYR B 208 -15.89 -9.05 -12.80
C TYR B 208 -14.47 -8.61 -12.50
N ALA B 209 -13.66 -9.46 -11.88
CA ALA B 209 -12.26 -9.07 -11.67
C ALA B 209 -11.46 -10.35 -11.72
N SER B 210 -10.20 -10.25 -12.09
CA SER B 210 -9.34 -11.43 -12.16
C SER B 210 -8.36 -11.40 -10.99
N LEU B 211 -8.46 -12.36 -10.09
CA LEU B 211 -7.59 -12.44 -8.88
C LEU B 211 -6.77 -13.69 -8.85
N ASN B 212 -5.66 -13.65 -8.10
CA ASN B 212 -4.80 -14.79 -7.82
C ASN B 212 -4.85 -15.11 -6.31
N GLY B 213 -4.69 -16.35 -5.97
CA GLY B 213 -4.59 -16.73 -4.56
C GLY B 213 -5.13 -18.12 -4.30
N THR B 214 -4.73 -18.70 -3.17
CA THR B 214 -5.33 -19.98 -2.78
C THR B 214 -6.82 -19.83 -2.46
N SER B 215 -7.23 -18.61 -2.15
CA SER B 215 -8.64 -18.28 -1.91
C SER B 215 -9.53 -18.49 -3.16
N MET B 216 -8.95 -18.30 -4.36
CA MET B 216 -9.65 -18.57 -5.63
C MET B 216 -9.58 -20.02 -5.98
N ALA B 217 -8.54 -20.73 -5.53
CA ALA B 217 -8.49 -22.20 -5.77
C ALA B 217 -9.53 -23.01 -4.99
N THR B 218 -9.74 -22.63 -3.74
CA THR B 218 -10.66 -23.30 -2.82
C THR B 218 -12.09 -23.51 -3.36
N PRO B 219 -12.73 -22.41 -3.87
CA PRO B 219 -14.07 -22.57 -4.41
C PRO B 219 -14.20 -23.52 -5.60
N HIS B 220 -13.15 -23.71 -6.40
CA HIS B 220 -13.21 -24.79 -7.41
C HIS B 220 -13.49 -26.13 -6.76
N VAL B 221 -12.87 -26.37 -5.61
CA VAL B 221 -13.02 -27.65 -4.92
C VAL B 221 -14.36 -27.71 -4.20
N ALA B 222 -14.81 -26.58 -3.67
CA ALA B 222 -16.13 -26.49 -3.06
C ALA B 222 -17.23 -26.73 -4.09
N GLY B 223 -17.04 -26.21 -5.30
CA GLY B 223 -17.95 -26.48 -6.43
C GLY B 223 -17.94 -27.96 -6.80
N ALA B 224 -16.75 -28.53 -6.96
CA ALA B 224 -16.63 -29.95 -7.31
C ALA B 224 -17.27 -30.86 -6.28
N ALA B 225 -17.15 -30.52 -5.00
CA ALA B 225 -17.73 -31.31 -3.92
C ALA B 225 -19.26 -31.32 -3.98
N ALA B 226 -19.83 -30.20 -4.36
CA ALA B 226 -21.26 -30.09 -4.56
C ALA B 226 -21.76 -30.85 -5.82
N LEU B 227 -20.96 -30.88 -6.87
CA LEU B 227 -21.32 -31.73 -8.03
C LEU B 227 -21.38 -33.20 -7.61
N VAL B 228 -20.38 -33.66 -6.85
CA VAL B 228 -20.26 -35.05 -6.44
C VAL B 228 -21.37 -35.40 -5.46
N LYS B 229 -21.73 -34.44 -4.61
CA LYS B 229 -22.84 -34.52 -3.67
C LYS B 229 -24.21 -34.64 -4.38
N GLN B 230 -24.41 -33.92 -5.48
CA GLN B 230 -25.66 -34.02 -6.23
C GLN B 230 -25.79 -35.44 -6.77
N LYS B 231 -24.77 -35.85 -7.53
CA LYS B 231 -24.63 -37.19 -8.07
C LYS B 231 -24.80 -38.31 -7.02
N ASN B 232 -24.24 -38.12 -5.83
CA ASN B 232 -24.27 -39.18 -4.80
C ASN B 232 -24.80 -38.70 -3.49
N PRO B 233 -26.10 -38.38 -3.42
CA PRO B 233 -26.58 -37.66 -2.23
C PRO B 233 -26.54 -38.45 -0.95
N SER B 234 -26.11 -39.71 -1.00
CA SER B 234 -26.12 -40.56 0.20
C SER B 234 -24.74 -40.70 0.85
N TRP B 235 -23.71 -40.45 0.05
CA TRP B 235 -22.31 -40.44 0.46
C TRP B 235 -22.03 -39.51 1.65
N SER B 236 -21.18 -39.94 2.57
CA SER B 236 -20.59 -39.05 3.60
C SER B 236 -19.61 -38.02 2.97
N ASN B 237 -19.30 -36.95 3.71
CA ASN B 237 -18.26 -35.98 3.29
C ASN B 237 -16.93 -36.69 3.10
N VAL B 238 -16.66 -37.65 3.98
CA VAL B 238 -15.41 -38.42 3.90
C VAL B 238 -15.37 -39.23 2.61
N GLN B 239 -16.53 -39.73 2.18
CA GLN B 239 -16.57 -40.39 0.88
C GLN B 239 -16.33 -39.35 -0.19
N ILE B 240 -16.92 -38.17 -0.01
CA ILE B 240 -16.78 -37.13 -1.03
C ILE B 240 -15.33 -36.63 -1.12
N ARG B 241 -14.74 -36.34 0.04
CA ARG B 241 -13.32 -35.97 0.13
C ARG B 241 -12.39 -36.95 -0.59
N ASN B 242 -12.54 -38.24 -0.28
CA ASN B 242 -11.66 -39.24 -0.82
C ASN B 242 -11.88 -39.44 -2.32
N HIS B 243 -13.13 -39.30 -2.76
CA HIS B 243 -13.38 -39.50 -4.19
C HIS B 243 -12.77 -38.31 -4.97
N LEU B 244 -12.81 -37.12 -4.41
CA LEU B 244 -12.20 -35.96 -5.07
C LEU B 244 -10.68 -36.18 -5.15
N LYS B 245 -10.10 -36.64 -4.05
CA LYS B 245 -8.68 -36.92 -4.00
C LYS B 245 -8.29 -38.06 -4.94
N ASN B 246 -9.01 -39.19 -4.84
CA ASN B 246 -8.66 -40.35 -5.66
C ASN B 246 -8.86 -40.10 -7.17
N THR B 247 -9.76 -39.16 -7.55
CA THR B 247 -9.97 -38.87 -8.98
C THR B 247 -9.15 -37.69 -9.56
N ALA B 248 -8.40 -36.98 -8.71
CA ALA B 248 -7.58 -35.85 -9.11
C ALA B 248 -6.52 -36.28 -10.11
N THR B 249 -6.05 -35.35 -10.95
CA THR B 249 -4.88 -35.59 -11.78
C THR B 249 -3.55 -35.43 -11.02
N SER B 250 -2.83 -36.54 -10.87
CA SER B 250 -1.51 -36.55 -10.28
C SER B 250 -0.59 -35.56 -10.96
N LEU B 251 0.17 -34.82 -10.16
CA LEU B 251 1.06 -33.79 -10.69
C LEU B 251 2.53 -34.08 -10.33
N GLY B 252 2.75 -35.18 -9.62
CA GLY B 252 4.12 -35.68 -9.41
C GLY B 252 4.76 -35.40 -8.05
N SER B 253 4.08 -34.66 -7.19
CA SER B 253 4.61 -34.44 -5.85
C SER B 253 3.49 -34.18 -4.88
N THR B 254 3.25 -35.13 -4.01
CA THR B 254 2.26 -34.95 -2.97
C THR B 254 2.61 -33.78 -2.04
N ASN B 255 3.90 -33.50 -1.84
CA ASN B 255 4.28 -32.43 -0.90
C ASN B 255 3.81 -31.09 -1.47
N LEU B 256 3.93 -30.98 -2.79
CA LEU B 256 3.65 -29.77 -3.50
C LEU B 256 2.18 -29.65 -3.85
N TYR B 257 1.52 -30.80 -4.12
CA TYR B 257 0.22 -30.81 -4.79
C TYR B 257 -0.86 -31.61 -4.08
N GLY B 258 -0.53 -32.25 -2.95
CA GLY B 258 -1.44 -33.24 -2.34
C GLY B 258 -1.79 -34.28 -3.42
N SER B 259 -3.08 -34.64 -3.51
CA SER B 259 -3.53 -35.60 -4.53
CA SER B 259 -3.59 -35.58 -4.53
C SER B 259 -3.41 -35.09 -5.97
N GLY B 260 -3.33 -33.79 -6.16
CA GLY B 260 -3.15 -33.30 -7.51
C GLY B 260 -4.32 -32.43 -7.88
N LEU B 261 -4.51 -32.22 -9.16
CA LEU B 261 -5.48 -31.21 -9.66
C LEU B 261 -6.90 -31.74 -9.63
N VAL B 262 -7.79 -31.03 -8.98
CA VAL B 262 -9.15 -31.53 -8.88
C VAL B 262 -9.72 -31.76 -10.33
N ASN B 263 -10.55 -32.79 -10.50
CA ASN B 263 -11.14 -33.09 -11.80
C ASN B 263 -12.63 -33.41 -11.64
N ALA B 264 -13.49 -32.42 -11.91
CA ALA B 264 -14.94 -32.56 -11.67
C ALA B 264 -15.57 -33.65 -12.56
N GLU B 265 -14.97 -33.85 -13.74
CA GLU B 265 -15.45 -34.85 -14.69
C GLU B 265 -15.08 -36.26 -14.27
N ALA B 266 -13.81 -36.49 -13.94
CA ALA B 266 -13.43 -37.79 -13.36
C ALA B 266 -14.20 -38.12 -12.10
N ALA B 267 -14.48 -37.11 -11.27
CA ALA B 267 -15.12 -37.29 -9.97
C ALA B 267 -16.62 -37.61 -10.01
N THR B 268 -17.23 -37.43 -11.18
CA THR B 268 -18.66 -37.63 -11.32
C THR B 268 -19.04 -38.67 -12.39
N ARG B 269 -18.07 -39.14 -13.15
CA ARG B 269 -18.26 -40.30 -14.00
C ARG B 269 -18.29 -41.52 -13.10
N ALA C 1 17.95 -10.42 39.44
CA ALA C 1 16.49 -10.10 39.44
C ALA C 1 16.18 -8.96 38.46
N ASP C 2 15.36 -9.28 37.44
CA ASP C 2 15.17 -8.42 36.24
C ASP C 2 13.80 -7.70 36.17
N PRO C 3 13.45 -7.08 34.99
CA PRO C 3 12.47 -5.98 35.02
C PRO C 3 11.10 -6.35 35.54
N PRO C 4 10.39 -5.36 36.09
CA PRO C 4 9.02 -5.62 36.51
C PRO C 4 8.23 -6.30 35.39
N PRO C 5 7.27 -7.15 35.76
CA PRO C 5 6.35 -7.68 34.77
C PRO C 5 5.42 -6.58 34.23
N VAL C 6 4.84 -6.83 33.06
CA VAL C 6 3.80 -5.96 32.55
C VAL C 6 2.51 -6.48 33.19
N HIS C 7 1.59 -5.57 33.55
CA HIS C 7 0.31 -5.98 34.15
C HIS C 7 -0.91 -5.70 33.28
N ASP C 8 -1.95 -6.54 33.39
CA ASP C 8 -3.20 -6.33 32.69
C ASP C 8 -4.16 -5.42 33.46
N THR C 9 -5.36 -5.18 32.94
CA THR C 9 -6.22 -4.15 33.55
C THR C 9 -6.87 -4.69 34.84
N ASP C 10 -6.83 -6.02 35.01
CA ASP C 10 -7.22 -6.71 36.25
C ASP C 10 -6.07 -6.80 37.25
N GLY C 11 -4.91 -6.24 36.93
CA GLY C 11 -3.78 -6.26 37.87
C GLY C 11 -2.93 -7.52 37.84
N HIS C 12 -3.30 -8.49 37.02
CA HIS C 12 -2.46 -9.69 36.88
C HIS C 12 -1.34 -9.53 35.85
N GLU C 13 -0.21 -10.19 36.10
CA GLU C 13 0.92 -10.16 35.20
C GLU C 13 0.59 -10.71 33.79
N LEU C 14 1.11 -10.09 32.72
CA LEU C 14 0.87 -10.64 31.37
C LEU C 14 1.57 -11.96 31.13
N ARG C 15 0.86 -12.88 30.49
CA ARG C 15 1.44 -14.16 30.14
C ARG C 15 1.58 -14.40 28.63
N ALA C 16 2.72 -14.99 28.25
CA ALA C 16 3.01 -15.32 26.84
C ALA C 16 2.08 -16.35 26.24
N ASP C 17 1.19 -16.91 27.06
CA ASP C 17 0.21 -17.88 26.57
C ASP C 17 -1.26 -17.42 26.65
N ALA C 18 -1.48 -16.16 26.98
CA ALA C 18 -2.84 -15.62 27.00
C ALA C 18 -2.98 -14.62 25.86
N ASN C 19 -4.20 -14.16 25.62
CA ASN C 19 -4.49 -13.12 24.63
C ASN C 19 -4.92 -11.86 25.34
N TYR C 20 -4.56 -10.70 24.77
CA TYR C 20 -4.93 -9.40 25.34
C TYR C 20 -5.42 -8.44 24.28
N TYR C 21 -6.52 -7.75 24.53
CA TYR C 21 -6.82 -6.54 23.78
C TYR C 21 -5.82 -5.49 24.15
N VAL C 22 -5.31 -4.78 23.14
CA VAL C 22 -4.56 -3.57 23.42
C VAL C 22 -5.36 -2.26 23.25
N LEU C 23 -5.83 -1.82 24.42
CA LEU C 23 -6.78 -0.75 24.57
C LEU C 23 -6.08 0.58 24.81
N SER C 24 -6.72 1.70 24.49
CA SER C 24 -6.24 3.01 24.93
C SER C 24 -6.39 3.02 26.45
N ALA C 25 -5.36 3.44 27.20
CA ALA C 25 -5.49 3.66 28.66
C ALA C 25 -6.65 4.62 28.95
N ASN C 26 -6.80 5.61 28.08
CA ASN C 26 -7.89 6.54 28.21
C ASN C 26 -8.84 6.36 27.05
N ARG C 27 -10.04 5.89 27.37
CA ARG C 27 -11.09 5.56 26.41
C ARG C 27 -11.52 6.77 25.53
N ALA C 28 -11.36 8.01 26.02
CA ALA C 28 -11.59 9.18 25.17
C ALA C 28 -10.62 9.26 23.97
N HIS C 29 -9.53 8.51 24.00
CA HIS C 29 -8.61 8.46 22.87
C HIS C 29 -9.04 7.43 21.82
N GLY C 30 -10.13 6.70 22.04
CA GLY C 30 -10.52 5.63 21.14
C GLY C 30 -10.37 4.20 21.59
N GLY C 31 -10.49 3.27 20.64
CA GLY C 31 -10.60 1.84 20.94
C GLY C 31 -9.32 1.08 20.86
N GLY C 32 -9.45 -0.24 20.72
CA GLY C 32 -8.35 -1.16 20.63
C GLY C 32 -7.83 -1.24 19.22
N LEU C 33 -6.92 -2.19 19.02
CA LEU C 33 -6.17 -2.30 17.79
C LEU C 33 -6.81 -3.37 16.91
N THR C 34 -6.70 -3.17 15.59
CA THR C 34 -7.22 -4.10 14.57
C THR C 34 -6.29 -3.96 13.36
N MET C 35 -6.83 -4.32 12.19
CA MET C 35 -6.09 -4.40 10.95
C MET C 35 -6.87 -3.64 9.90
N ALA C 36 -6.18 -2.84 9.10
CA ALA C 36 -6.82 -2.18 7.99
C ALA C 36 -5.92 -2.21 6.75
N PRO C 37 -6.52 -2.23 5.56
CA PRO C 37 -5.67 -1.95 4.36
C PRO C 37 -5.06 -0.55 4.45
N GLY C 38 -3.74 -0.42 4.19
CA GLY C 38 -3.05 0.88 4.30
C GLY C 38 -2.17 1.33 3.13
N HIS C 39 -2.04 0.45 2.13
CA HIS C 39 -1.43 0.86 0.86
C HIS C 39 -2.22 0.31 -0.34
N GLY C 40 -3.37 0.93 -0.59
CA GLY C 40 -4.23 0.62 -1.72
C GLY C 40 -4.84 -0.77 -1.71
N ARG C 41 -4.11 -1.73 -2.29
CA ARG C 41 -4.45 -3.17 -2.25
C ARG C 41 -4.60 -3.63 -0.82
N HIS C 42 -5.30 -4.75 -0.64
CA HIS C 42 -5.80 -5.08 0.68
C HIS C 42 -4.78 -5.81 1.52
N CYS C 43 -3.69 -6.29 0.92
CA CYS C 43 -2.68 -7.00 1.70
C CYS C 43 -1.31 -6.46 1.34
N PRO C 44 -0.40 -6.36 2.32
CA PRO C 44 -0.58 -6.72 3.72
C PRO C 44 -1.42 -5.70 4.52
N LEU C 45 -2.05 -6.19 5.57
CA LEU C 45 -2.89 -5.36 6.43
C LEU C 45 -2.01 -4.58 7.39
N PHE C 46 -2.36 -3.33 7.63
CA PHE C 46 -1.61 -2.47 8.58
C PHE C 46 -2.25 -2.57 9.99
N VAL C 47 -1.48 -2.33 11.04
CA VAL C 47 -2.17 -2.20 12.34
C VAL C 47 -2.70 -0.82 12.54
N SER C 48 -3.96 -0.79 12.91
CA SER C 48 -4.70 0.43 13.03
C SER C 48 -5.41 0.48 14.38
N GLN C 49 -5.88 1.65 14.75
CA GLN C 49 -6.72 1.79 15.94
C GLN C 49 -8.17 2.09 15.57
N ASP C 50 -9.09 1.34 16.14
CA ASP C 50 -10.52 1.63 15.99
C ASP C 50 -10.82 2.95 16.71
N PRO C 51 -11.45 3.95 16.01
CA PRO C 51 -11.71 5.22 16.71
C PRO C 51 -12.72 5.12 17.83
N ASN C 52 -13.54 4.08 17.82
CA ASN C 52 -14.63 3.92 18.79
C ASN C 52 -14.18 3.31 20.14
N GLY C 53 -14.32 4.08 21.20
CA GLY C 53 -13.90 3.67 22.53
C GLY C 53 -14.55 2.40 23.01
N GLN C 54 -15.72 2.07 22.46
CA GLN C 54 -16.42 0.83 22.84
C GLN C 54 -15.95 -0.44 22.14
N HIS C 55 -15.06 -0.30 21.16
CA HIS C 55 -14.58 -1.43 20.36
C HIS C 55 -13.20 -1.87 20.80
N ASP C 56 -13.13 -3.11 21.30
CA ASP C 56 -11.88 -3.66 21.79
C ASP C 56 -10.86 -4.12 20.72
N GLY C 57 -11.33 -4.27 19.48
CA GLY C 57 -10.47 -4.66 18.35
C GLY C 57 -10.08 -6.11 18.44
N PHE C 58 -8.98 -6.47 17.82
CA PHE C 58 -8.53 -7.88 17.91
C PHE C 58 -7.59 -8.07 19.06
N PRO C 59 -7.65 -9.25 19.70
CA PRO C 59 -6.67 -9.60 20.72
C PRO C 59 -5.33 -9.88 20.10
N VAL C 60 -4.33 -9.74 20.94
CA VAL C 60 -2.95 -9.88 20.64
C VAL C 60 -2.34 -11.07 21.43
N ARG C 61 -1.40 -11.77 20.84
CA ARG C 61 -0.54 -12.70 21.56
C ARG C 61 0.85 -12.01 21.61
N ILE C 62 1.45 -11.91 22.81
CA ILE C 62 2.75 -11.25 23.03
C ILE C 62 3.73 -12.29 23.56
N THR C 63 4.84 -12.53 22.89
CA THR C 63 5.77 -13.55 23.36
C THR C 63 7.18 -12.97 23.34
N PRO C 64 8.05 -13.40 24.28
CA PRO C 64 9.40 -12.89 24.27
C PRO C 64 10.16 -13.28 23.01
N TYR C 65 11.02 -12.39 22.53
CA TYR C 65 11.91 -12.69 21.43
C TYR C 65 12.97 -13.68 21.96
N GLY C 66 13.14 -14.84 21.32
CA GLY C 66 14.03 -15.90 21.88
C GLY C 66 13.23 -17.10 22.40
N VAL C 67 13.71 -17.81 23.44
CA VAL C 67 12.92 -18.96 23.97
C VAL C 67 12.33 -18.92 25.43
N ALA C 68 13.13 -19.33 26.40
CA ALA C 68 12.59 -20.04 27.63
C ALA C 68 11.45 -19.23 28.37
N PRO C 69 10.47 -19.92 29.03
CA PRO C 69 10.45 -20.23 30.57
C PRO C 69 11.79 -20.17 31.31
N SER C 70 11.88 -19.38 32.41
CA SER C 70 10.90 -19.47 33.55
C SER C 70 9.40 -19.62 33.34
N ASP C 71 8.81 -18.55 32.94
CA ASP C 71 7.50 -18.15 33.49
C ASP C 71 6.41 -17.82 32.47
N LYS C 72 6.83 -17.53 31.24
CA LYS C 72 5.91 -17.01 30.23
C LYS C 72 5.40 -15.68 30.73
N ILE C 73 6.11 -15.03 31.64
CA ILE C 73 5.71 -13.72 32.12
C ILE C 73 6.32 -12.66 31.19
N ILE C 74 5.47 -11.79 30.65
CA ILE C 74 5.98 -10.68 29.83
C ILE C 74 6.46 -9.56 30.73
N ARG C 75 7.69 -9.12 30.50
CA ARG C 75 8.29 -8.05 31.29
C ARG C 75 8.58 -6.78 30.51
N LEU C 76 8.74 -5.69 31.25
CA LEU C 76 9.00 -4.36 30.68
C LEU C 76 10.39 -4.32 30.12
N SER C 77 10.63 -3.44 29.15
CA SER C 77 11.98 -3.17 28.63
C SER C 77 12.63 -4.43 28.06
N THR C 78 11.80 -5.28 27.48
CA THR C 78 12.22 -6.59 27.00
C THR C 78 11.73 -6.76 25.57
N ASP C 79 12.58 -7.27 24.66
CA ASP C 79 12.13 -7.53 23.28
C ASP C 79 11.02 -8.56 23.25
N VAL C 80 9.92 -8.20 22.60
CA VAL C 80 8.82 -9.13 22.35
C VAL C 80 8.31 -9.10 20.89
N ARG C 81 7.67 -10.20 20.50
CA ARG C 81 6.88 -10.28 19.29
C ARG C 81 5.41 -10.12 19.63
N ILE C 82 4.69 -9.47 18.74
CA ILE C 82 3.26 -9.27 18.89
C ILE C 82 2.49 -9.76 17.65
N SER C 83 1.43 -10.56 17.82
CA SER C 83 0.61 -10.90 16.67
C SER C 83 -0.84 -10.92 17.00
N PHE C 84 -1.65 -10.62 15.99
CA PHE C 84 -3.08 -10.55 16.17
C PHE C 84 -3.66 -11.97 16.14
N ARG C 85 -4.59 -12.28 17.02
CA ARG C 85 -5.34 -13.55 16.92
C ARG C 85 -6.50 -13.24 16.01
N ALA C 86 -6.35 -13.54 14.72
CA ALA C 86 -7.35 -13.11 13.73
C ALA C 86 -7.07 -13.87 12.44
N TYR C 87 -8.09 -14.03 11.60
CA TYR C 87 -8.02 -14.80 10.33
C TYR C 87 -8.32 -13.84 9.22
N THR C 88 -7.58 -13.94 8.12
CA THR C 88 -7.58 -12.92 7.10
CA THR C 88 -7.59 -12.90 7.07
C THR C 88 -7.76 -13.49 5.68
N THR C 89 -8.31 -12.68 4.77
CA THR C 89 -8.34 -13.07 3.35
C THR C 89 -6.93 -13.09 2.72
N CYS C 90 -5.96 -12.41 3.34
CA CYS C 90 -4.56 -12.36 2.92
C CYS C 90 -3.85 -13.69 3.12
N LEU C 91 -4.30 -14.44 4.14
CA LEU C 91 -3.71 -15.73 4.52
C LEU C 91 -2.20 -15.61 4.64
N GLN C 92 -1.77 -14.66 5.48
CA GLN C 92 -0.37 -14.38 5.72
C GLN C 92 -0.18 -14.22 7.22
N SER C 93 1.06 -14.09 7.65
CA SER C 93 1.36 -13.72 9.03
C SER C 93 0.53 -12.55 9.56
N THR C 94 0.17 -12.67 10.82
CA THR C 94 -0.67 -11.74 11.51
C THR C 94 0.28 -11.05 12.52
N GLU C 95 1.55 -11.41 12.47
CA GLU C 95 2.60 -10.77 13.30
C GLU C 95 2.93 -9.32 12.92
N TRP C 96 3.09 -8.44 13.90
CA TRP C 96 3.48 -7.03 13.69
C TRP C 96 4.93 -6.86 13.29
N HIS C 97 5.21 -5.96 12.36
CA HIS C 97 6.56 -5.44 12.24
C HIS C 97 6.54 -4.00 11.75
N ILE C 98 7.61 -3.28 12.03
CA ILE C 98 7.64 -1.88 11.75
C ILE C 98 8.36 -1.78 10.43
N ASP C 99 8.00 -0.81 9.63
CA ASP C 99 8.79 -0.70 8.43
C ASP C 99 10.24 -0.26 8.73
N SER C 100 11.15 -0.67 7.86
CA SER C 100 12.59 -0.54 8.05
C SER C 100 13.02 0.81 8.51
N GLU C 101 14.04 0.82 9.36
CA GLU C 101 14.62 2.05 9.86
C GLU C 101 15.11 2.93 8.73
N LEU C 102 15.58 2.32 7.66
CA LEU C 102 16.22 3.10 6.60
C LEU C 102 15.45 3.24 5.30
N ALA C 103 14.23 2.68 5.22
CA ALA C 103 13.34 2.92 4.10
C ALA C 103 12.86 4.39 4.09
N ALA C 104 12.62 4.96 2.93
CA ALA C 104 12.12 6.35 2.88
C ALA C 104 10.63 6.41 3.24
N GLY C 105 10.14 7.53 3.77
CA GLY C 105 8.70 7.75 4.00
C GLY C 105 8.37 7.80 5.52
N ARG C 106 7.09 7.72 5.86
CA ARG C 106 6.64 7.55 7.26
C ARG C 106 6.95 6.11 7.66
N ARG C 107 6.96 5.79 8.96
CA ARG C 107 7.10 4.41 9.41
C ARG C 107 5.81 3.93 10.03
N HIS C 108 5.29 2.83 9.47
CA HIS C 108 4.07 2.20 9.94
C HIS C 108 4.37 0.82 10.54
N VAL C 109 3.38 0.30 11.25
CA VAL C 109 3.39 -1.05 11.77
C VAL C 109 2.42 -1.86 10.90
N ILE C 110 2.94 -2.88 10.26
CA ILE C 110 2.20 -3.67 9.36
C ILE C 110 2.38 -5.12 9.70
N THR C 111 1.53 -5.90 9.07
CA THR C 111 1.40 -7.30 9.26
C THR C 111 2.00 -7.99 8.01
N GLY C 112 2.23 -9.30 8.05
CA GLY C 112 2.62 -10.02 6.86
C GLY C 112 4.11 -10.21 6.71
N PRO C 113 4.56 -10.46 5.47
CA PRO C 113 5.97 -10.72 5.26
C PRO C 113 6.79 -9.42 5.35
N VAL C 114 8.01 -9.57 5.82
CA VAL C 114 8.92 -8.45 5.93
C VAL C 114 9.62 -8.26 4.58
N LYS C 115 9.23 -7.18 3.87
CA LYS C 115 9.55 -7.01 2.44
C LYS C 115 11.01 -6.67 2.09
N ASP C 116 11.61 -5.76 2.83
CA ASP C 116 13.08 -5.63 2.86
C ASP C 116 13.57 -5.64 4.32
N PRO C 117 14.07 -6.81 4.77
CA PRO C 117 14.68 -6.89 6.10
C PRO C 117 15.82 -5.88 6.32
N SER C 118 16.03 -5.52 7.59
CA SER C 118 17.19 -4.75 8.02
C SER C 118 18.34 -5.78 8.24
N PRO C 119 19.61 -5.31 8.42
CA PRO C 119 20.66 -6.30 8.71
C PRO C 119 20.40 -7.01 10.04
N SER C 120 19.96 -6.23 11.04
CA SER C 120 19.58 -6.72 12.39
C SER C 120 18.47 -7.78 12.41
N GLY C 121 17.63 -7.78 11.36
CA GLY C 121 16.44 -8.64 11.26
C GLY C 121 15.37 -8.52 12.34
N ARG C 122 15.29 -7.39 13.03
CA ARG C 122 14.32 -7.31 14.16
C ARG C 122 13.32 -6.16 14.15
N GLU C 123 12.77 -5.88 12.97
CA GLU C 123 11.63 -4.98 12.86
C GLU C 123 10.35 -5.58 13.47
N ASN C 124 10.37 -6.88 13.76
CA ASN C 124 9.27 -7.54 14.49
C ASN C 124 9.48 -7.56 16.04
N ALA C 125 10.58 -6.97 16.49
CA ALA C 125 10.85 -6.85 17.95
C ALA C 125 10.33 -5.50 18.51
N PHE C 126 9.45 -5.55 19.51
CA PHE C 126 8.93 -4.34 20.15
C PHE C 126 9.26 -4.37 21.63
N ARG C 127 9.04 -3.25 22.31
CA ARG C 127 9.20 -3.15 23.74
C ARG C 127 8.06 -2.42 24.38
N ILE C 128 7.71 -2.90 25.57
CA ILE C 128 6.68 -2.33 26.40
C ILE C 128 7.40 -1.59 27.55
N GLU C 129 7.06 -0.32 27.70
CA GLU C 129 7.74 0.55 28.66
C GLU C 129 6.69 1.27 29.49
N LYS C 130 6.98 1.52 30.76
CA LYS C 130 6.05 2.22 31.60
C LYS C 130 6.06 3.64 31.11
N TYR C 131 4.87 4.17 30.89
CA TYR C 131 4.83 5.54 30.42
C TYR C 131 4.94 6.52 31.60
N SER C 132 6.19 6.98 31.72
CA SER C 132 6.72 7.67 32.88
C SER C 132 5.98 8.97 33.16
N GLY C 133 5.91 9.31 34.44
CA GLY C 133 5.13 10.42 34.91
C GLY C 133 3.65 10.17 34.71
N ALA C 134 3.30 9.04 34.11
CA ALA C 134 1.88 8.68 34.08
C ALA C 134 1.52 7.36 34.79
N GLU C 135 0.23 7.06 34.84
CA GLU C 135 -0.33 6.28 35.94
C GLU C 135 0.07 4.82 36.03
N VAL C 136 -0.18 4.24 37.16
CA VAL C 136 -0.68 2.88 37.18
C VAL C 136 -0.06 2.03 36.10
N HIS C 137 -0.89 1.45 35.23
CA HIS C 137 -0.45 0.08 34.78
C HIS C 137 -0.74 0.42 33.29
N GLU C 138 -0.16 1.51 32.84
CA GLU C 138 -0.42 2.17 31.54
C GLU C 138 0.92 2.25 30.88
N TYR C 139 0.97 1.94 29.58
CA TYR C 139 2.28 1.66 28.95
C TYR C 139 2.40 2.33 27.61
N LYS C 140 3.62 2.55 27.17
CA LYS C 140 3.83 2.89 25.77
C LYS C 140 4.47 1.71 25.04
N LEU C 141 4.31 1.67 23.72
CA LEU C 141 5.00 0.69 22.87
C LEU C 141 6.13 1.40 22.12
N MET C 142 7.30 0.76 22.05
CA MET C 142 8.41 1.26 21.22
C MET C 142 8.93 0.19 20.30
N SER C 143 9.62 0.64 19.24
CA SER C 143 10.40 -0.23 18.37
C SER C 143 11.81 0.30 18.36
N CYS C 144 12.78 -0.57 18.63
CA CYS C 144 14.18 -0.16 18.72
C CYS C 144 15.09 -0.93 17.77
N GLY C 145 15.83 -0.21 16.95
CA GLY C 145 16.88 -0.81 16.10
C GLY C 145 18.14 -0.03 16.41
N ASP C 146 18.62 0.79 15.48
CA ASP C 146 19.68 1.71 15.84
C ASP C 146 19.18 2.93 16.66
N TRP C 147 17.88 3.22 16.62
CA TRP C 147 17.33 4.16 17.59
C TRP C 147 16.04 3.62 18.11
N CYS C 148 15.50 4.24 19.15
CA CYS C 148 14.23 3.81 19.69
C CYS C 148 13.19 4.74 19.16
N GLN C 149 12.06 4.18 18.77
CA GLN C 149 10.97 4.99 18.28
C GLN C 149 9.73 4.61 19.06
N ASP C 150 9.11 5.59 19.73
CA ASP C 150 7.77 5.42 20.33
C ASP C 150 6.70 5.40 19.23
N LEU C 151 5.62 4.67 19.49
CA LEU C 151 4.53 4.49 18.54
C LEU C 151 3.32 5.27 18.97
N GLY C 152 2.78 6.03 18.02
CA GLY C 152 1.60 6.84 18.15
C GLY C 152 0.68 6.44 17.02
N VAL C 153 -0.40 7.16 16.87
CA VAL C 153 -1.43 6.81 15.94
C VAL C 153 -1.59 8.02 15.01
N PHE C 154 -1.39 7.77 13.72
CA PHE C 154 -1.71 8.71 12.64
C PHE C 154 -3.23 8.77 12.44
N ARG C 155 -3.89 9.75 13.02
CA ARG C 155 -5.34 9.84 12.93
C ARG C 155 -5.72 10.41 11.57
N ASP C 156 -6.82 9.95 10.98
CA ASP C 156 -7.29 10.41 9.66
C ASP C 156 -7.03 11.93 9.60
N LEU C 157 -6.69 12.52 8.43
CA LEU C 157 -7.58 12.64 7.26
C LEU C 157 -8.16 11.38 6.61
N LYS C 158 -9.50 11.33 6.51
CA LYS C 158 -10.39 12.42 6.98
C LYS C 158 -11.64 12.06 7.83
N GLY C 159 -12.47 11.06 7.47
CA GLY C 159 -12.14 9.63 7.23
C GLY C 159 -10.93 8.95 6.61
N GLY C 160 -10.87 7.64 6.85
CA GLY C 160 -9.65 6.91 6.63
C GLY C 160 -9.28 6.31 7.97
N ALA C 161 -8.75 5.10 7.93
CA ALA C 161 -8.27 4.40 9.12
C ALA C 161 -7.20 5.21 9.90
N TRP C 162 -7.00 4.83 11.15
CA TRP C 162 -6.01 5.45 12.01
C TRP C 162 -4.86 4.47 12.14
N PHE C 163 -3.69 4.79 11.60
CA PHE C 163 -2.62 3.81 11.51
C PHE C 163 -1.59 3.93 12.63
N LEU C 164 -1.09 2.83 13.15
CA LEU C 164 -0.04 2.90 14.19
C LEU C 164 1.31 3.19 13.52
N GLY C 165 2.14 4.04 14.13
CA GLY C 165 3.38 4.41 13.48
C GLY C 165 4.28 5.34 14.27
N ALA C 166 5.30 5.89 13.60
CA ALA C 166 6.28 6.77 14.25
C ALA C 166 5.79 8.21 14.24
N THR C 167 5.01 8.54 15.27
CA THR C 167 4.38 9.84 15.41
C THR C 167 4.15 10.04 16.91
N GLU C 168 4.14 11.31 17.30
CA GLU C 168 4.03 11.80 18.70
C GLU C 168 2.99 12.90 18.63
N PRO C 169 2.04 12.96 19.59
CA PRO C 169 1.88 12.21 20.87
C PRO C 169 1.83 10.71 20.72
N TYR C 170 2.53 10.01 21.59
CA TYR C 170 2.47 8.55 21.53
C TYR C 170 1.18 7.97 22.09
N HIS C 171 0.96 6.70 21.81
CA HIS C 171 -0.28 6.03 22.13
C HIS C 171 -0.11 5.18 23.40
N VAL C 172 -0.81 5.60 24.45
CA VAL C 172 -0.68 4.94 25.79
C VAL C 172 -1.79 3.88 25.88
N VAL C 173 -1.38 2.66 26.17
CA VAL C 173 -2.25 1.49 26.11
C VAL C 173 -2.34 0.78 27.49
N VAL C 174 -3.39 -0.02 27.62
CA VAL C 174 -3.54 -0.99 28.71
C VAL C 174 -3.83 -2.35 28.05
N PHE C 175 -3.56 -3.44 28.76
CA PHE C 175 -3.74 -4.79 28.18
C PHE C 175 -4.85 -5.50 28.90
N LYS C 176 -5.96 -5.71 28.20
CA LYS C 176 -7.12 -6.35 28.81
C LYS C 176 -7.16 -7.79 28.39
N LYS C 177 -7.20 -8.70 29.36
CA LYS C 177 -7.30 -10.13 29.08
C LYS C 177 -8.45 -10.47 28.17
N ALA C 178 -8.18 -11.24 27.11
CA ALA C 178 -9.21 -11.54 26.12
C ALA C 178 -9.85 -12.84 26.53
N PRO C 179 -11.19 -12.81 26.70
CA PRO C 179 -11.79 -13.93 27.43
C PRO C 179 -11.43 -15.23 26.74
N PRO C 180 -10.98 -16.20 27.56
CA PRO C 180 -10.24 -17.35 27.11
C PRO C 180 -11.31 -18.39 26.75
N ALA C 181 -11.32 -18.86 25.49
CA ALA C 181 -10.28 -18.55 24.51
C ALA C 181 -8.93 -19.11 24.97
N ALA D 1 2.12 -6.70 -42.15
CA ALA D 1 3.31 -5.83 -41.87
C ALA D 1 3.42 -5.46 -40.37
N ASP D 2 4.19 -4.42 -40.06
CA ASP D 2 4.18 -3.91 -38.67
C ASP D 2 2.83 -3.24 -38.37
N PRO D 3 2.31 -3.43 -37.13
CA PRO D 3 0.95 -2.96 -36.82
C PRO D 3 0.64 -1.51 -37.21
N PRO D 4 -0.64 -1.22 -37.43
CA PRO D 4 -1.08 0.16 -37.63
C PRO D 4 -0.85 1.03 -36.39
N PRO D 5 -0.77 2.34 -36.61
CA PRO D 5 -0.50 3.28 -35.53
C PRO D 5 -1.70 3.48 -34.63
N VAL D 6 -1.46 3.89 -33.41
CA VAL D 6 -2.49 4.49 -32.54
C VAL D 6 -2.68 5.97 -32.87
N HIS D 7 -3.88 6.50 -32.74
CA HIS D 7 -4.05 7.93 -33.06
C HIS D 7 -4.46 8.74 -31.82
N ASP D 8 -4.02 9.99 -31.71
CA ASP D 8 -4.63 10.95 -30.75
C ASP D 8 -6.02 11.51 -31.16
N THR D 9 -6.64 12.29 -30.27
CA THR D 9 -7.98 12.83 -30.49
C THR D 9 -8.04 13.81 -31.69
N ASP D 10 -6.91 14.36 -32.11
CA ASP D 10 -6.83 15.21 -33.30
C ASP D 10 -6.56 14.46 -34.61
N GLY D 11 -6.56 13.14 -34.55
CA GLY D 11 -6.31 12.30 -35.72
C GLY D 11 -4.85 12.03 -36.08
N HIS D 12 -3.90 12.61 -35.35
CA HIS D 12 -2.49 12.43 -35.65
C HIS D 12 -1.93 11.14 -34.99
N GLU D 13 -0.92 10.53 -35.58
CA GLU D 13 -0.36 9.30 -35.01
C GLU D 13 0.36 9.62 -33.69
N LEU D 14 0.21 8.77 -32.67
CA LEU D 14 1.01 8.92 -31.44
C LEU D 14 2.50 8.76 -31.69
N ARG D 15 3.30 9.65 -31.10
CA ARG D 15 4.72 9.57 -31.16
C ARG D 15 5.32 9.28 -29.80
N ALA D 16 6.38 8.48 -29.79
CA ALA D 16 7.21 8.28 -28.57
C ALA D 16 7.63 9.60 -27.89
N ASP D 17 7.44 9.65 -26.58
CA ASP D 17 7.89 10.80 -25.78
C ASP D 17 7.08 12.09 -25.87
N ALA D 18 6.09 12.17 -26.75
CA ALA D 18 5.19 13.29 -26.71
C ALA D 18 4.22 13.03 -25.52
N ASN D 19 3.53 14.05 -25.08
CA ASN D 19 2.68 13.99 -23.86
C ASN D 19 1.22 13.94 -24.20
N TYR D 20 0.55 12.90 -23.70
CA TYR D 20 -0.87 12.65 -23.95
C TYR D 20 -1.63 12.45 -22.63
N TYR D 21 -2.71 13.19 -22.45
CA TYR D 21 -3.66 12.82 -21.42
C TYR D 21 -4.36 11.57 -21.80
N VAL D 22 -4.65 10.71 -20.81
CA VAL D 22 -5.44 9.52 -21.11
C VAL D 22 -6.84 9.60 -20.60
N LEU D 23 -7.69 10.00 -21.54
CA LEU D 23 -9.02 10.42 -21.20
C LEU D 23 -9.98 9.27 -21.36
N SER D 24 -11.11 9.27 -20.68
CA SER D 24 -12.13 8.25 -21.04
C SER D 24 -12.66 8.59 -22.41
N ALA D 25 -12.86 7.57 -23.24
CA ALA D 25 -13.42 7.78 -24.56
C ALA D 25 -14.84 8.39 -24.40
N ASN D 26 -15.55 7.95 -23.37
CA ASN D 26 -16.85 8.50 -23.05
C ASN D 26 -16.73 9.32 -21.78
N ARG D 27 -16.93 10.63 -21.89
CA ARG D 27 -16.76 11.52 -20.74
C ARG D 27 -17.73 11.23 -19.60
N ALA D 28 -18.89 10.70 -19.92
CA ALA D 28 -19.78 10.16 -18.91
C ALA D 28 -19.10 9.10 -18.01
N HIS D 29 -18.00 8.50 -18.44
CA HIS D 29 -17.34 7.45 -17.64
C HIS D 29 -16.28 8.01 -16.68
N GLY D 30 -16.05 9.32 -16.72
CA GLY D 30 -15.07 9.93 -15.88
C GLY D 30 -13.96 10.74 -16.58
N GLY D 31 -12.94 11.06 -15.79
CA GLY D 31 -11.81 11.93 -16.19
C GLY D 31 -10.57 11.17 -16.64
N GLY D 32 -9.43 11.87 -16.72
CA GLY D 32 -8.20 11.24 -17.13
C GLY D 32 -7.59 10.47 -15.94
N LEU D 33 -6.36 10.03 -16.14
CA LEU D 33 -5.62 9.24 -15.18
C LEU D 33 -4.69 10.11 -14.33
N THR D 34 -4.62 9.77 -13.03
CA THR D 34 -3.72 10.41 -12.07
C THR D 34 -3.00 9.38 -11.21
N MET D 35 -2.47 9.85 -10.08
CA MET D 35 -1.77 9.02 -9.10
C MET D 35 -2.51 9.22 -7.79
N ALA D 36 -2.70 8.12 -7.04
CA ALA D 36 -3.32 8.14 -5.71
C ALA D 36 -2.51 7.25 -4.74
N PRO D 37 -2.35 7.72 -3.49
CA PRO D 37 -1.53 7.04 -2.48
C PRO D 37 -2.33 6.09 -1.65
N GLY D 38 -1.65 5.16 -0.92
CA GLY D 38 -2.14 4.54 0.38
C GLY D 38 -2.79 5.74 1.09
N HIS D 39 -3.92 5.55 1.78
CA HIS D 39 -4.14 5.86 3.23
C HIS D 39 -3.13 5.73 4.34
N GLY D 40 -2.39 4.63 4.40
CA GLY D 40 -1.33 4.51 5.41
C GLY D 40 -0.01 4.92 4.79
N ARG D 41 0.56 3.96 4.06
CA ARG D 41 1.79 4.14 3.33
C ARG D 41 1.46 4.89 2.01
N HIS D 42 2.04 6.07 1.84
CA HIS D 42 1.65 6.89 0.68
C HIS D 42 2.22 6.32 -0.63
N CYS D 43 3.55 6.20 -0.68
CA CYS D 43 4.30 5.65 -1.78
C CYS D 43 4.52 4.15 -1.73
N PRO D 44 4.58 3.49 -2.90
CA PRO D 44 4.35 3.98 -4.29
C PRO D 44 2.92 4.38 -4.59
N LEU D 45 2.76 5.42 -5.41
CA LEU D 45 1.46 5.85 -5.84
C LEU D 45 0.85 4.90 -6.90
N PHE D 46 -0.45 4.63 -6.78
CA PHE D 46 -1.19 3.82 -7.75
C PHE D 46 -1.70 4.68 -8.90
N VAL D 47 -1.85 4.07 -10.07
CA VAL D 47 -2.55 4.84 -11.10
C VAL D 47 -4.04 4.71 -10.97
N SER D 48 -4.71 5.85 -11.00
CA SER D 48 -6.11 5.94 -10.66
C SER D 48 -6.80 6.81 -11.72
N GLN D 49 -8.11 6.79 -11.74
CA GLN D 49 -8.86 7.62 -12.70
C GLN D 49 -9.62 8.66 -11.93
N ASP D 50 -9.47 9.92 -12.33
CA ASP D 50 -10.28 10.97 -11.79
C ASP D 50 -11.72 10.79 -12.22
N PRO D 51 -12.64 10.73 -11.23
CA PRO D 51 -14.07 10.49 -11.49
C PRO D 51 -14.75 11.63 -12.22
N ASN D 52 -14.12 12.80 -12.24
CA ASN D 52 -14.67 13.99 -12.86
C ASN D 52 -14.27 14.11 -14.33
N GLY D 53 -15.25 13.91 -15.21
CA GLY D 53 -15.09 14.05 -16.66
C GLY D 53 -14.40 15.31 -17.13
N GLN D 54 -14.42 16.34 -16.30
CA GLN D 54 -13.74 17.61 -16.57
C GLN D 54 -12.26 17.66 -16.17
N HIS D 55 -11.75 16.61 -15.53
CA HIS D 55 -10.35 16.61 -15.08
C HIS D 55 -9.52 15.66 -15.93
N ASP D 56 -8.48 16.20 -16.54
CA ASP D 56 -7.70 15.49 -17.55
C ASP D 56 -6.62 14.60 -16.93
N GLY D 57 -6.29 14.83 -15.64
CA GLY D 57 -5.26 14.02 -14.95
C GLY D 57 -3.88 14.44 -15.40
N PHE D 58 -2.90 13.54 -15.35
CA PHE D 58 -1.57 13.89 -15.79
C PHE D 58 -1.39 13.26 -17.16
N PRO D 59 -0.56 13.88 -17.99
CA PRO D 59 -0.24 13.26 -19.25
C PRO D 59 0.84 12.21 -19.05
N VAL D 60 0.82 11.33 -19.99
CA VAL D 60 1.65 10.19 -20.05
C VAL D 60 2.60 10.32 -21.25
N ARG D 61 3.72 9.68 -21.16
CA ARG D 61 4.74 9.66 -22.17
C ARG D 61 4.86 8.16 -22.45
N ILE D 62 4.86 7.79 -23.73
CA ILE D 62 4.82 6.40 -24.15
C ILE D 62 6.05 6.11 -24.95
N THR D 63 6.74 5.02 -24.66
CA THR D 63 7.96 4.68 -25.39
C THR D 63 8.00 3.18 -25.77
N PRO D 64 8.52 2.83 -26.98
CA PRO D 64 8.54 1.41 -27.32
C PRO D 64 9.35 0.60 -26.32
N TYR D 65 8.88 -0.58 -25.98
CA TYR D 65 9.58 -1.44 -25.03
C TYR D 65 10.70 -2.10 -25.82
N GLY D 66 11.89 -2.25 -25.28
CA GLY D 66 12.80 -3.01 -26.13
C GLY D 66 13.42 -2.14 -27.23
N VAL D 67 13.98 -2.80 -28.24
CA VAL D 67 14.86 -2.07 -29.14
C VAL D 67 14.18 -0.87 -29.84
N ALA D 68 14.88 0.24 -29.86
CA ALA D 68 14.34 1.48 -30.40
C ALA D 68 14.14 1.33 -31.90
N PRO D 69 12.92 1.55 -32.38
CA PRO D 69 12.58 1.54 -33.79
C PRO D 69 12.83 2.90 -34.41
N SER D 70 13.11 2.97 -35.70
CA SER D 70 13.50 4.28 -36.25
C SER D 70 12.39 5.36 -36.38
N ASP D 71 11.14 5.00 -36.62
CA ASP D 71 10.15 6.07 -36.94
C ASP D 71 9.54 6.82 -35.73
N LYS D 72 9.40 6.07 -34.62
CA LYS D 72 8.89 6.52 -33.30
C LYS D 72 7.38 6.63 -33.16
N ILE D 73 6.65 6.06 -34.12
CA ILE D 73 5.23 6.03 -34.06
C ILE D 73 4.83 4.92 -33.12
N ILE D 74 3.88 5.17 -32.24
CA ILE D 74 3.38 4.16 -31.33
C ILE D 74 2.36 3.30 -32.06
N ARG D 75 2.55 1.98 -32.06
CA ARG D 75 1.72 1.11 -32.87
C ARG D 75 0.84 0.27 -32.00
N LEU D 76 -0.32 -0.12 -32.53
CA LEU D 76 -1.20 -1.06 -31.83
C LEU D 76 -0.56 -2.41 -31.55
N SER D 77 -1.00 -3.08 -30.49
CA SER D 77 -0.53 -4.44 -30.17
C SER D 77 0.98 -4.60 -30.08
N THR D 78 1.65 -3.58 -29.58
CA THR D 78 3.11 -3.57 -29.56
C THR D 78 3.50 -3.17 -28.12
N ASP D 79 4.43 -3.88 -27.51
CA ASP D 79 4.78 -3.57 -26.11
C ASP D 79 5.35 -2.16 -25.98
N VAL D 80 4.85 -1.40 -25.00
CA VAL D 80 5.37 -0.07 -24.76
C VAL D 80 5.50 0.15 -23.22
N ARG D 81 6.36 1.07 -22.85
CA ARG D 81 6.50 1.56 -21.45
CA ARG D 81 6.43 1.56 -21.44
C ARG D 81 5.63 2.85 -21.34
N ILE D 82 5.03 3.11 -20.19
CA ILE D 82 4.15 4.26 -20.01
C ILE D 82 4.60 4.90 -18.68
N SER D 83 4.82 6.21 -18.66
CA SER D 83 5.14 6.85 -17.37
C SER D 83 4.41 8.21 -17.35
N PHE D 84 4.10 8.71 -16.16
CA PHE D 84 3.40 10.00 -16.03
C PHE D 84 4.39 11.16 -16.08
N ARG D 85 3.96 12.25 -16.70
CA ARG D 85 4.74 13.46 -16.59
C ARG D 85 4.23 14.21 -15.36
N ALA D 86 4.91 14.01 -14.25
CA ALA D 86 4.41 14.46 -12.95
C ALA D 86 5.54 14.38 -11.92
N TYR D 87 5.40 15.09 -10.79
CA TYR D 87 6.48 15.21 -9.75
C TYR D 87 5.79 14.92 -8.42
N THR D 88 6.48 14.21 -7.53
CA THR D 88 5.85 13.55 -6.38
CA THR D 88 5.82 13.67 -6.33
C THR D 88 6.68 13.83 -5.08
N THR D 89 6.01 13.72 -3.92
CA THR D 89 6.75 13.67 -2.66
C THR D 89 7.51 12.33 -2.60
N CYS D 90 7.09 11.31 -3.35
CA CYS D 90 7.84 10.01 -3.34
C CYS D 90 9.24 10.09 -4.00
N LEU D 91 9.45 11.03 -4.94
CA LEU D 91 10.76 11.16 -5.60
C LEU D 91 11.26 9.79 -6.16
N GLN D 92 10.34 9.11 -6.85
CA GLN D 92 10.55 7.77 -7.40
C GLN D 92 10.04 7.78 -8.86
N SER D 93 10.35 6.72 -9.59
CA SER D 93 9.88 6.57 -10.96
C SER D 93 8.36 6.74 -11.04
N THR D 94 7.88 7.45 -12.08
CA THR D 94 6.43 7.52 -12.38
C THR D 94 6.01 6.54 -13.50
N GLU D 95 6.89 5.60 -13.84
CA GLU D 95 6.59 4.58 -14.82
C GLU D 95 5.58 3.58 -14.22
N TRP D 96 4.61 3.19 -15.02
CA TRP D 96 3.59 2.22 -14.67
C TRP D 96 4.17 0.79 -14.73
N HIS D 97 3.73 -0.03 -13.80
CA HIS D 97 3.77 -1.46 -13.99
C HIS D 97 2.52 -2.06 -13.35
N ILE D 98 2.20 -3.26 -13.75
CA ILE D 98 1.06 -3.95 -13.20
C ILE D 98 1.64 -4.93 -12.17
N ASP D 99 0.87 -5.20 -11.10
CA ASP D 99 1.23 -6.23 -10.10
C ASP D 99 1.67 -7.49 -10.81
N SER D 100 2.73 -8.09 -10.33
CA SER D 100 3.29 -9.30 -10.88
C SER D 100 2.24 -10.43 -11.09
N GLU D 101 2.33 -11.11 -12.24
CA GLU D 101 1.53 -12.33 -12.53
C GLU D 101 1.69 -13.41 -11.45
N LEU D 102 2.81 -13.35 -10.72
CA LEU D 102 3.14 -14.31 -9.64
C LEU D 102 2.66 -13.91 -8.23
N ALA D 103 2.01 -12.77 -8.09
CA ALA D 103 1.60 -12.35 -6.74
C ALA D 103 0.13 -12.72 -6.44
N ALA D 104 -0.22 -12.92 -5.16
CA ALA D 104 -1.58 -13.18 -4.75
C ALA D 104 -2.33 -11.86 -4.70
N GLY D 105 -3.65 -11.90 -4.88
CA GLY D 105 -4.51 -10.74 -4.74
C GLY D 105 -5.07 -10.23 -6.05
N ARG D 106 -5.70 -9.06 -5.97
CA ARG D 106 -6.06 -8.27 -7.15
C ARG D 106 -4.81 -7.73 -7.86
N ARG D 107 -4.95 -7.43 -9.15
CA ARG D 107 -3.83 -6.81 -9.82
C ARG D 107 -4.13 -5.33 -10.07
N HIS D 108 -3.28 -4.45 -9.58
CA HIS D 108 -3.45 -3.03 -9.85
C HIS D 108 -2.28 -2.49 -10.68
N VAL D 109 -2.49 -1.31 -11.25
CA VAL D 109 -1.39 -0.63 -11.93
C VAL D 109 -0.77 0.39 -10.98
N ILE D 110 0.53 0.24 -10.77
CA ILE D 110 1.22 1.13 -9.88
C ILE D 110 2.49 1.68 -10.44
N THR D 111 3.00 2.63 -9.73
CA THR D 111 4.08 3.43 -10.18
C THR D 111 5.26 3.06 -9.25
N GLY D 112 6.47 3.44 -9.62
CA GLY D 112 7.60 3.26 -8.74
C GLY D 112 8.22 1.88 -8.78
N PRO D 113 9.17 1.62 -7.88
CA PRO D 113 9.94 0.40 -7.94
C PRO D 113 9.25 -0.72 -7.18
N VAL D 114 9.66 -1.96 -7.44
CA VAL D 114 9.10 -3.08 -6.70
C VAL D 114 10.25 -3.73 -5.98
N LYS D 115 10.01 -4.28 -4.79
CA LYS D 115 10.98 -5.22 -4.28
CA LYS D 115 10.93 -5.23 -4.21
C LYS D 115 10.55 -6.58 -4.85
N ASP D 116 11.51 -7.38 -5.28
CA ASP D 116 11.15 -8.64 -5.99
C ASP D 116 10.50 -8.46 -7.39
N PRO D 117 11.24 -7.94 -8.38
CA PRO D 117 10.69 -8.09 -9.73
C PRO D 117 10.52 -9.57 -10.18
N SER D 118 9.57 -9.83 -11.09
CA SER D 118 9.46 -11.15 -11.71
C SER D 118 10.68 -11.43 -12.58
N PRO D 119 10.94 -12.72 -12.95
CA PRO D 119 12.16 -13.08 -13.71
C PRO D 119 12.32 -12.27 -15.00
N SER D 120 11.31 -12.31 -15.86
CA SER D 120 11.30 -11.56 -17.13
C SER D 120 11.19 -10.04 -16.89
N GLY D 121 10.51 -9.69 -15.79
CA GLY D 121 10.24 -8.30 -15.42
C GLY D 121 9.36 -7.56 -16.44
N ARG D 122 8.50 -8.31 -17.16
CA ARG D 122 7.61 -7.70 -18.18
C ARG D 122 6.39 -6.98 -17.62
N GLU D 123 6.29 -6.83 -16.30
CA GLU D 123 5.14 -6.14 -15.75
C GLU D 123 5.07 -4.66 -16.08
N ASN D 124 6.16 -4.10 -16.59
CA ASN D 124 6.08 -2.74 -17.06
C ASN D 124 5.82 -2.58 -18.57
N ALA D 125 5.39 -3.69 -19.20
CA ALA D 125 5.05 -3.73 -20.65
C ALA D 125 3.54 -3.71 -20.80
N PHE D 126 3.05 -2.73 -21.58
CA PHE D 126 1.64 -2.55 -21.82
C PHE D 126 1.41 -2.57 -23.32
N ARG D 127 0.18 -2.84 -23.74
CA ARG D 127 -0.17 -2.76 -25.18
C ARG D 127 -1.45 -1.96 -25.32
N ILE D 128 -1.56 -1.24 -26.43
CA ILE D 128 -2.79 -0.52 -26.74
C ILE D 128 -3.46 -1.30 -27.90
N GLU D 129 -4.73 -1.61 -27.71
CA GLU D 129 -5.52 -2.39 -28.65
C GLU D 129 -6.78 -1.67 -29.01
N LYS D 130 -7.29 -2.04 -30.17
CA LYS D 130 -8.53 -1.44 -30.66
C LYS D 130 -9.73 -2.04 -29.92
N TYR D 131 -10.65 -1.15 -29.60
CA TYR D 131 -11.89 -1.49 -28.91
C TYR D 131 -13.00 -1.57 -29.95
N SER D 132 -13.73 -2.67 -29.98
CA SER D 132 -14.68 -2.91 -31.09
C SER D 132 -15.85 -1.92 -31.04
N GLY D 133 -15.72 -0.95 -30.14
CA GLY D 133 -16.62 0.17 -29.98
C GLY D 133 -16.38 1.43 -30.83
N ALA D 134 -15.30 1.52 -31.63
CA ALA D 134 -14.44 2.72 -31.52
C ALA D 134 -14.87 3.56 -32.75
N GLU D 135 -16.11 4.09 -32.74
CA GLU D 135 -16.58 5.03 -33.80
C GLU D 135 -16.23 6.35 -33.13
N VAL D 136 -14.97 6.54 -32.73
CA VAL D 136 -13.83 7.06 -33.50
C VAL D 136 -12.76 6.45 -32.62
N HIS D 137 -11.54 6.98 -32.53
CA HIS D 137 -10.36 6.14 -32.62
C HIS D 137 -10.23 5.89 -31.06
N GLU D 138 -10.71 4.78 -30.55
CA GLU D 138 -10.78 4.51 -29.08
C GLU D 138 -10.14 3.19 -28.76
N TYR D 139 -9.55 3.07 -27.57
CA TYR D 139 -8.62 1.98 -27.33
C TYR D 139 -8.81 1.35 -25.96
N LYS D 140 -8.38 0.11 -25.83
CA LYS D 140 -8.21 -0.48 -24.49
C LYS D 140 -6.71 -0.68 -24.18
N LEU D 141 -6.35 -0.73 -22.89
CA LEU D 141 -4.97 -0.98 -22.45
C LEU D 141 -4.91 -2.37 -21.87
N MET D 142 -3.79 -3.06 -22.08
CA MET D 142 -3.62 -4.41 -21.62
C MET D 142 -2.20 -4.54 -21.13
N SER D 143 -2.01 -5.53 -20.26
CA SER D 143 -0.69 -5.96 -19.89
C SER D 143 -0.56 -7.43 -20.24
N CYS D 144 0.51 -7.79 -20.95
CA CYS D 144 0.79 -9.20 -21.26
C CYS D 144 2.16 -9.66 -20.69
N GLY D 145 2.11 -10.76 -19.95
CA GLY D 145 3.29 -11.54 -19.58
C GLY D 145 3.04 -12.91 -20.18
N ASP D 146 2.74 -13.90 -19.33
CA ASP D 146 2.32 -15.22 -19.79
C ASP D 146 0.85 -15.28 -20.18
N TRP D 147 0.02 -14.34 -19.71
CA TRP D 147 -1.32 -14.13 -20.29
C TRP D 147 -1.52 -12.64 -20.51
N CYS D 148 -2.54 -12.27 -21.26
CA CYS D 148 -2.88 -10.86 -21.47
C CYS D 148 -4.03 -10.44 -20.61
N GLN D 149 -3.97 -9.24 -20.04
CA GLN D 149 -5.01 -8.83 -19.13
C GLN D 149 -5.39 -7.42 -19.52
N ASP D 150 -6.64 -7.20 -19.90
CA ASP D 150 -7.14 -5.84 -20.13
C ASP D 150 -7.38 -5.09 -18.79
N LEU D 151 -7.24 -3.77 -18.85
CA LEU D 151 -7.32 -2.93 -17.66
C LEU D 151 -8.66 -2.26 -17.61
N GLY D 152 -9.27 -2.26 -16.42
CA GLY D 152 -10.50 -1.53 -16.16
C GLY D 152 -10.27 -0.70 -14.93
N VAL D 153 -11.33 -0.14 -14.38
CA VAL D 153 -11.19 0.72 -13.21
C VAL D 153 -11.98 0.12 -12.05
N PHE D 154 -11.37 -0.01 -10.85
CA PHE D 154 -12.11 -0.41 -9.65
C PHE D 154 -12.84 0.81 -9.11
N ARG D 155 -14.10 0.96 -9.47
CA ARG D 155 -14.78 2.17 -9.04
C ARG D 155 -15.20 1.98 -7.60
N ASP D 156 -15.20 3.09 -6.88
CA ASP D 156 -15.63 3.09 -5.51
C ASP D 156 -16.30 4.42 -5.22
N LEU D 157 -17.52 4.38 -4.71
CA LEU D 157 -18.18 5.62 -4.29
C LEU D 157 -18.71 5.52 -2.83
N LYS D 158 -17.91 5.13 -1.81
CA LYS D 158 -17.18 6.04 -0.82
C LYS D 158 -16.98 7.58 -1.04
N GLY D 159 -16.19 7.97 -2.02
CA GLY D 159 -15.43 7.00 -2.78
C GLY D 159 -13.99 7.05 -2.39
N GLY D 160 -13.40 5.86 -2.26
CA GLY D 160 -11.96 5.75 -2.29
C GLY D 160 -11.54 6.05 -3.73
N ALA D 161 -10.24 6.03 -3.97
CA ALA D 161 -9.69 6.29 -5.29
C ALA D 161 -10.14 5.18 -6.24
N TRP D 162 -10.25 5.50 -7.52
CA TRP D 162 -10.70 4.54 -8.52
C TRP D 162 -9.43 3.94 -9.14
N PHE D 163 -9.01 2.78 -8.68
CA PHE D 163 -7.75 2.19 -9.11
C PHE D 163 -7.84 1.50 -10.46
N LEU D 164 -6.87 1.74 -11.33
CA LEU D 164 -6.75 0.99 -12.60
C LEU D 164 -6.22 -0.41 -12.27
N GLY D 165 -6.78 -1.42 -12.93
CA GLY D 165 -6.36 -2.82 -12.66
C GLY D 165 -7.11 -3.92 -13.42
N ALA D 166 -6.91 -5.19 -13.03
CA ALA D 166 -7.51 -6.33 -13.70
C ALA D 166 -8.98 -6.50 -13.37
N THR D 167 -9.83 -5.77 -14.10
CA THR D 167 -11.24 -5.79 -13.82
C THR D 167 -12.01 -5.33 -15.09
N GLU D 168 -13.17 -5.91 -15.30
CA GLU D 168 -14.04 -5.69 -16.45
C GLU D 168 -15.42 -5.29 -15.92
N PRO D 169 -16.11 -4.35 -16.58
CA PRO D 169 -15.81 -3.71 -17.87
C PRO D 169 -14.46 -3.01 -17.91
N TYR D 170 -13.83 -3.08 -19.07
CA TYR D 170 -12.58 -2.41 -19.36
C TYR D 170 -12.69 -0.92 -19.50
N HIS D 171 -11.58 -0.22 -19.31
CA HIS D 171 -11.61 1.22 -19.33
C HIS D 171 -11.25 1.63 -20.76
N VAL D 172 -12.22 2.16 -21.50
CA VAL D 172 -11.94 2.56 -22.90
C VAL D 172 -11.43 3.97 -22.94
N VAL D 173 -10.33 4.21 -23.64
CA VAL D 173 -9.66 5.51 -23.55
C VAL D 173 -9.35 6.14 -24.92
N VAL D 174 -8.96 7.39 -24.85
CA VAL D 174 -8.56 8.17 -25.98
C VAL D 174 -7.32 8.96 -25.53
N PHE D 175 -6.47 9.34 -26.46
CA PHE D 175 -5.27 10.07 -26.09
C PHE D 175 -5.33 11.49 -26.56
N LYS D 176 -5.35 12.46 -25.63
CA LYS D 176 -5.35 13.87 -26.03
C LYS D 176 -3.98 14.54 -25.81
N LYS D 177 -3.43 15.07 -26.89
CA LYS D 177 -2.12 15.68 -26.83
C LYS D 177 -2.17 16.85 -25.86
N ALA D 178 -1.22 16.92 -24.95
CA ALA D 178 -1.09 18.08 -24.07
C ALA D 178 -0.97 19.35 -24.95
N PRO D 179 -1.62 20.46 -24.53
CA PRO D 179 -1.54 21.71 -25.31
C PRO D 179 -0.10 22.24 -25.19
N PRO D 180 0.41 22.98 -26.19
CA PRO D 180 1.85 23.37 -26.18
C PRO D 180 2.46 23.57 -24.76
N ALA D 181 3.34 22.62 -24.40
CA ALA D 181 3.54 22.12 -23.01
C ALA D 181 4.90 22.36 -22.32
CA CA E . 9.36 24.65 19.05
CL CL F . 1.13 35.89 0.44
CL CL G . -7.63 22.95 -0.26
CL CL H . -3.99 31.04 -3.92
CL CL I . 15.78 13.38 17.32
CL CL J . 5.38 19.57 22.88
CL CL K . 12.87 25.48 -23.47
CL CL L . 7.85 10.95 16.12
CL CL M . 23.08 13.59 -11.87
CL CL N . 29.10 10.84 12.54
CL CL O . 30.27 35.71 14.87
CL CL P . -4.74 21.12 14.67
NA NA Q . 28.02 17.84 -8.06
NA NA R . 11.93 9.54 15.87
NA NA S . 20.90 20.97 -9.76
CA CA T . -23.10 -16.31 -16.35
CL CL U . -10.25 -16.84 -18.41
CL CL V . -0.85 -27.90 -18.40
CL CL W . -5.22 -31.05 -16.87
CL CL X . -14.80 -29.77 -19.74
CL CL Y . -11.03 -9.12 -15.24
CL CL Z . -6.07 -15.41 -1.71
NA NA AA . -8.19 -12.13 -16.60
NA NA BA . -6.99 -30.16 6.65
CA CA CA . -1.70 10.89 16.91
CL CL DA . 4.41 6.99 3.85
CL CL EA . -16.77 6.80 17.50
CL CL FA . -1.29 -2.65 1.72
CA CA GA . -15.06 -1.09 -13.31
CL CL HA . -14.37 3.47 -19.61
CL CL IA . 12.41 4.36 -8.71
CL CL JA . -5.65 -6.96 -3.26
CL CL KA . 7.47 18.32 -21.68
NA NA LA . -11.73 3.85 -34.62
#